data_5DVI
#
_entry.id   5DVI
#
_cell.length_a   102.940
_cell.length_b   119.050
_cell.length_c   66.600
_cell.angle_alpha   90.00
_cell.angle_beta   90.00
_cell.angle_gamma   90.00
#
_symmetry.space_group_name_H-M   'P 21 21 2'
#
loop_
_entity.id
_entity.type
_entity.pdbx_description
1 polymer 'Binding protein component of ABC sugar transporter'
2 non-polymer beta-D-glucopyranose
3 non-polymer GLYCEROL
4 non-polymer 'SULFATE ION'
5 water water
#
_entity_poly.entity_id   1
_entity_poly.type   'polypeptide(L)'
_entity_poly.pdbx_seq_one_letter_code
;MGSSHHHHHHSSGLVPRGSHMADNPGTVDVLHWWTSGGEAKAVETLKQQIQKDGFIWKDNAVAGGGGAAAMTVLKTRAIS
GNPPSAAQIKGPDIQEWGALGLLTELDDVAAANKWDDLLPRQVADIMKYDGHYVAVPVNIHRVNWLWINPQVFDKAGAKV
PTTLDELFAAADKLKAAGFIPLAHGGQPWQDSTVFEDLVLSILGPKGYHAAFVDLDEKTLTGPQMTEAFATLKRLGTYMD
PNRAGRDWNIAAAEVINGKAGMQIMGDWAKSEWSAAGKVAGKDYQCVAFPGTQGSFAYNIDSLAMFKLKDANDIKAQNDL
AKVALEPEFQTVFNQNKGSLPVRQDMDMSKFDACTQKSAADFKEAAKGDGLQPSMAHNMATTLAVQGAIFDVVTNFLNDP
QAEPATAVKQLNAAIKAAR
;
_entity_poly.pdbx_strand_id   A,B
#
# COMPACT_ATOMS: atom_id res chain seq x y z
N ASN A 24 -0.70 -2.24 37.35
CA ASN A 24 0.00 -2.67 36.11
C ASN A 24 1.40 -2.09 36.04
N PRO A 25 2.42 -2.96 35.88
CA PRO A 25 3.81 -2.47 35.85
C PRO A 25 4.21 -1.77 34.55
N GLY A 26 3.38 -1.90 33.53
CA GLY A 26 3.67 -1.44 32.18
C GLY A 26 3.69 -2.65 31.25
N THR A 27 3.17 -2.48 30.05
CA THR A 27 3.03 -3.55 29.05
C THR A 27 3.79 -3.22 27.80
N VAL A 28 4.53 -4.22 27.30
CA VAL A 28 5.25 -4.15 26.03
C VAL A 28 4.39 -4.83 24.97
N ASP A 29 4.09 -4.10 23.92
CA ASP A 29 3.34 -4.61 22.77
C ASP A 29 4.16 -4.40 21.52
N VAL A 30 4.77 -5.50 21.02
CA VAL A 30 5.55 -5.48 19.79
C VAL A 30 4.73 -6.10 18.67
N LEU A 31 4.54 -5.33 17.61
CA LEU A 31 3.94 -5.82 16.39
CA LEU A 31 3.93 -5.81 16.37
C LEU A 31 5.04 -6.35 15.47
N HIS A 32 5.00 -7.63 15.11
CA HIS A 32 6.08 -8.29 14.37
C HIS A 32 5.45 -9.45 13.62
N TRP A 33 6.27 -10.10 12.78
CA TRP A 33 5.78 -11.27 12.04
C TRP A 33 6.57 -12.53 12.31
N TRP A 34 7.09 -12.67 13.51
CA TRP A 34 7.91 -13.82 13.85
C TRP A 34 7.02 -14.95 14.38
N THR A 35 6.57 -15.80 13.46
CA THR A 35 5.56 -16.80 13.76
C THR A 35 5.90 -18.23 13.36
N SER A 36 6.93 -18.46 12.55
CA SER A 36 7.31 -19.84 12.22
C SER A 36 7.88 -20.49 13.47
N GLY A 37 8.12 -21.80 13.43
CA GLY A 37 8.70 -22.47 14.58
C GLY A 37 10.01 -21.84 15.03
N GLY A 38 10.90 -21.57 14.08
CA GLY A 38 12.19 -20.95 14.39
C GLY A 38 12.06 -19.50 14.84
N GLU A 39 11.27 -18.72 14.10
CA GLU A 39 11.09 -17.32 14.46
C GLU A 39 10.47 -17.20 15.86
N ALA A 40 9.52 -18.08 16.17
CA ALA A 40 8.82 -18.07 17.46
C ALA A 40 9.78 -18.36 18.60
N LYS A 41 10.76 -19.23 18.39
CA LYS A 41 11.75 -19.53 19.40
C LYS A 41 12.58 -18.30 19.69
N ALA A 42 12.88 -17.53 18.67
CA ALA A 42 13.61 -16.30 18.86
C ALA A 42 12.80 -15.24 19.63
N VAL A 43 11.57 -15.01 19.22
CA VAL A 43 10.82 -13.98 19.88
C VAL A 43 10.45 -14.40 21.32
N GLU A 44 10.37 -15.70 21.60
CA GLU A 44 10.16 -16.18 22.96
C GLU A 44 11.28 -15.71 23.90
N THR A 45 12.50 -15.55 23.38
CA THR A 45 13.61 -15.06 24.22
C THR A 45 13.36 -13.60 24.62
N LEU A 46 12.74 -12.83 23.74
CA LEU A 46 12.40 -11.44 24.06
C LEU A 46 11.28 -11.38 25.09
N LYS A 47 10.24 -12.16 24.89
CA LYS A 47 9.14 -12.28 25.87
C LYS A 47 9.71 -12.62 27.24
N GLN A 48 10.61 -13.60 27.29
CA GLN A 48 11.11 -14.04 28.58
C GLN A 48 11.86 -12.92 29.28
N GLN A 49 12.69 -12.19 28.54
CA GLN A 49 13.46 -11.12 29.16
C GLN A 49 12.56 -10.00 29.67
N ILE A 50 11.56 -9.63 28.88
CA ILE A 50 10.62 -8.59 29.31
C ILE A 50 9.88 -9.02 30.59
N GLN A 51 9.45 -10.27 30.65
CA GLN A 51 8.82 -10.77 31.86
C GLN A 51 9.77 -10.82 33.06
N LYS A 52 11.00 -11.27 32.85
CA LYS A 52 11.98 -11.28 33.93
C LYS A 52 12.26 -9.89 34.46
N ASP A 53 12.18 -8.90 33.58
CA ASP A 53 12.40 -7.50 33.94
C ASP A 53 11.19 -6.90 34.71
N GLY A 54 10.10 -7.65 34.81
CA GLY A 54 8.93 -7.23 35.58
C GLY A 54 7.89 -6.42 34.82
N PHE A 55 7.89 -6.56 33.49
CA PHE A 55 6.87 -5.94 32.66
C PHE A 55 5.99 -7.01 32.04
N ILE A 56 4.83 -6.58 31.53
N ILE A 56 4.83 -6.58 31.53
CA ILE A 56 3.88 -7.49 30.90
CA ILE A 56 3.90 -7.49 30.89
C ILE A 56 4.18 -7.56 29.41
C ILE A 56 4.21 -7.56 29.41
N TRP A 57 4.22 -8.78 28.86
CA TRP A 57 4.37 -9.00 27.43
C TRP A 57 3.01 -9.27 26.82
N LYS A 58 2.60 -8.41 25.89
CA LYS A 58 1.35 -8.51 25.14
CA LYS A 58 1.36 -8.55 25.15
C LYS A 58 1.67 -8.53 23.68
N ASP A 59 1.76 -9.71 23.14
CA ASP A 59 2.17 -9.94 21.80
C ASP A 59 1.16 -9.50 20.70
N ASN A 60 1.58 -8.96 19.56
CA ASN A 60 0.75 -8.74 18.39
C ASN A 60 1.55 -9.31 17.23
N ALA A 61 1.79 -10.61 17.27
CA ALA A 61 2.37 -11.31 16.13
C ALA A 61 1.33 -11.46 15.04
N VAL A 62 1.73 -11.08 13.82
CA VAL A 62 0.81 -11.16 12.67
C VAL A 62 1.53 -12.03 11.61
N ALA A 63 0.93 -13.21 11.45
CA ALA A 63 1.56 -14.21 10.58
C ALA A 63 1.56 -13.71 9.12
N GLY A 64 2.69 -13.90 8.46
CA GLY A 64 2.85 -13.62 7.04
C GLY A 64 4.30 -13.34 6.77
N GLY A 65 4.96 -14.33 6.14
CA GLY A 65 6.37 -14.23 5.93
C GLY A 65 6.71 -12.97 5.16
N GLY A 66 7.80 -12.32 5.55
CA GLY A 66 8.22 -11.08 4.90
C GLY A 66 7.49 -9.84 5.40
N GLY A 67 6.34 -9.99 6.07
CA GLY A 67 5.73 -8.88 6.81
C GLY A 67 4.62 -8.10 6.19
N ALA A 68 4.13 -8.47 5.01
CA ALA A 68 3.08 -7.66 4.41
C ALA A 68 1.82 -7.64 5.28
N ALA A 69 1.43 -8.80 5.83
CA ALA A 69 0.21 -8.85 6.65
C ALA A 69 0.38 -7.98 7.90
N ALA A 70 1.57 -8.03 8.48
CA ALA A 70 1.88 -7.19 9.65
C ALA A 70 1.74 -5.72 9.31
N MET A 71 2.23 -5.33 8.15
CA MET A 71 2.14 -3.93 7.72
C MET A 71 0.71 -3.47 7.55
N THR A 72 -0.17 -4.33 7.08
CA THR A 72 -1.58 -3.99 6.97
C THR A 72 -2.18 -3.68 8.34
N VAL A 73 -1.85 -4.51 9.33
CA VAL A 73 -2.32 -4.27 10.70
C VAL A 73 -1.70 -3.00 11.25
N LEU A 74 -0.43 -2.79 11.01
CA LEU A 74 0.27 -1.60 11.49
C LEU A 74 -0.39 -0.33 10.94
N LYS A 75 -0.74 -0.33 9.67
CA LYS A 75 -1.31 0.88 9.08
C LYS A 75 -2.61 1.28 9.80
N THR A 76 -3.39 0.30 10.22
CA THR A 76 -4.58 0.57 11.04
C THR A 76 -4.21 1.06 12.44
N ARG A 77 -3.32 0.34 13.10
CA ARG A 77 -2.97 0.62 14.49
C ARG A 77 -2.23 1.92 14.68
N ALA A 78 -1.38 2.26 13.73
CA ALA A 78 -0.58 3.46 13.84
C ALA A 78 -1.45 4.73 13.91
N ILE A 79 -2.57 4.85 13.28
N ILE A 79 -2.70 4.62 13.22
CA ILE A 79 -3.13 6.14 13.42
CA ILE A 79 -3.95 5.59 13.10
C ILE A 79 -4.37 5.96 14.28
C ILE A 79 -5.11 5.53 14.10
N SER A 80 -4.33 4.91 15.13
N SER A 80 -5.08 4.62 15.06
CA SER A 80 -5.50 4.49 15.94
CA SER A 80 -6.16 4.59 16.04
C SER A 80 -5.69 5.26 17.22
C SER A 80 -5.76 5.12 17.45
N GLY A 81 -4.59 5.83 17.65
CA GLY A 81 -4.39 6.41 18.97
C GLY A 81 -4.00 5.34 19.98
N ASN A 82 -3.86 4.07 19.55
CA ASN A 82 -3.29 3.01 20.40
C ASN A 82 -2.21 2.21 19.64
N PRO A 83 -1.15 2.93 19.26
CA PRO A 83 -0.09 2.28 18.56
C PRO A 83 0.59 1.26 19.44
N PRO A 84 1.28 0.30 18.81
CA PRO A 84 2.08 -0.63 19.59
CA PRO A 84 2.08 -0.63 19.61
C PRO A 84 3.25 0.08 20.25
N SER A 85 3.86 -0.55 21.26
CA SER A 85 5.12 -0.02 21.80
C SER A 85 6.16 0.13 20.69
N ALA A 86 6.23 -0.90 19.86
CA ALA A 86 7.20 -0.94 18.79
C ALA A 86 6.64 -1.80 17.69
N ALA A 87 7.15 -1.57 16.49
CA ALA A 87 6.76 -2.41 15.37
C ALA A 87 8.01 -2.73 14.56
N GLN A 88 8.00 -3.89 13.94
CA GLN A 88 9.05 -4.35 13.05
C GLN A 88 8.95 -3.56 11.74
N ILE A 89 9.77 -2.53 11.64
CA ILE A 89 9.77 -1.58 10.54
C ILE A 89 11.23 -1.40 10.18
N LYS A 90 11.55 -1.60 8.87
CA LYS A 90 12.92 -1.67 8.41
C LYS A 90 13.21 -0.65 7.31
N GLY A 91 14.48 -0.32 7.21
CA GLY A 91 14.99 0.36 6.05
C GLY A 91 14.43 1.76 5.84
N PRO A 92 14.33 2.18 4.58
CA PRO A 92 13.79 3.49 4.27
C PRO A 92 12.38 3.72 4.85
N ASP A 93 11.57 2.70 5.06
CA ASP A 93 10.24 2.92 5.59
C ASP A 93 10.27 3.55 6.96
N ILE A 94 11.33 3.37 7.72
CA ILE A 94 11.45 4.03 9.03
C ILE A 94 11.31 5.54 8.84
N GLN A 95 11.83 6.08 7.74
CA GLN A 95 11.77 7.51 7.50
C GLN A 95 10.35 8.04 7.39
N GLU A 96 9.47 7.24 6.80
CA GLU A 96 8.08 7.69 6.65
C GLU A 96 7.41 7.79 8.02
N TRP A 97 7.58 6.77 8.85
CA TRP A 97 6.97 6.78 10.20
C TRP A 97 7.56 7.87 11.05
N GLY A 98 8.85 8.12 10.90
CA GLY A 98 9.49 9.24 11.59
C GLY A 98 8.96 10.59 11.11
N ALA A 99 8.80 10.73 9.79
CA ALA A 99 8.28 11.96 9.20
C ALA A 99 6.86 12.27 9.67
N LEU A 100 6.06 11.22 9.89
CA LEU A 100 4.70 11.40 10.39
C LEU A 100 4.67 11.88 11.83
N GLY A 101 5.79 11.86 12.54
CA GLY A 101 5.80 12.28 13.94
C GLY A 101 5.26 11.25 14.90
N LEU A 102 5.16 10.00 14.47
CA LEU A 102 4.63 8.93 15.31
C LEU A 102 5.64 8.24 16.19
N LEU A 103 6.92 8.41 15.91
CA LEU A 103 7.97 7.69 16.64
C LEU A 103 8.59 8.59 17.69
N THR A 104 9.13 7.97 18.74
CA THR A 104 9.78 8.69 19.80
C THR A 104 11.29 8.69 19.61
N GLU A 105 11.95 9.80 19.93
CA GLU A 105 13.40 9.87 19.87
C GLU A 105 13.98 9.15 21.09
N LEU A 106 15.06 8.45 20.86
CA LEU A 106 15.65 7.53 21.85
C LEU A 106 17.01 8.06 22.35
N ASP A 107 17.18 9.38 22.45
CA ASP A 107 18.48 9.99 22.70
C ASP A 107 19.06 9.47 24.00
N ASP A 108 18.26 9.46 25.07
CA ASP A 108 18.80 9.16 26.40
C ASP A 108 19.17 7.69 26.53
N VAL A 109 18.35 6.79 26.01
CA VAL A 109 18.65 5.37 26.12
C VAL A 109 19.85 5.04 25.23
N ALA A 110 19.90 5.67 24.06
CA ALA A 110 21.02 5.47 23.14
C ALA A 110 22.34 5.97 23.73
N ALA A 111 22.29 7.09 24.46
CA ALA A 111 23.50 7.58 25.10
C ALA A 111 23.96 6.67 26.25
N ALA A 112 23.00 6.28 27.10
CA ALA A 112 23.34 5.49 28.32
C ALA A 112 23.93 4.14 27.83
N ASN A 113 23.30 3.52 26.84
CA ASN A 113 23.70 2.19 26.35
C ASN A 113 24.69 2.20 25.16
N LYS A 114 25.22 3.37 24.82
CA LYS A 114 26.34 3.57 23.89
C LYS A 114 26.08 3.01 22.46
N TRP A 115 24.90 3.29 21.92
CA TRP A 115 24.50 2.67 20.64
C TRP A 115 25.43 3.06 19.49
N ASP A 116 25.89 4.31 19.44
CA ASP A 116 26.78 4.72 18.36
C ASP A 116 28.11 3.94 18.41
N ASP A 117 28.55 3.58 19.61
CA ASP A 117 29.73 2.72 19.80
C ASP A 117 29.48 1.24 19.48
N LEU A 118 28.28 0.76 19.78
CA LEU A 118 27.93 -0.67 19.61
C LEU A 118 27.51 -1.04 18.18
N LEU A 119 27.06 -0.07 17.39
CA LEU A 119 26.42 -0.37 16.12
C LEU A 119 27.34 0.03 14.98
N PRO A 120 27.36 -0.76 13.89
CA PRO A 120 28.10 -0.28 12.73
C PRO A 120 27.50 1.02 12.23
N ARG A 121 28.33 1.91 11.70
CA ARG A 121 27.86 3.22 11.21
C ARG A 121 26.74 3.07 10.18
N GLN A 122 26.93 2.14 9.25
CA GLN A 122 25.95 1.85 8.20
C GLN A 122 24.59 1.54 8.81
N VAL A 123 24.60 0.80 9.91
CA VAL A 123 23.35 0.41 10.56
C VAL A 123 22.74 1.56 11.36
N ALA A 124 23.57 2.24 12.14
CA ALA A 124 23.07 3.32 12.99
C ALA A 124 22.33 4.40 12.17
N ASP A 125 22.89 4.76 11.01
CA ASP A 125 22.23 5.73 10.14
C ASP A 125 20.81 5.36 9.73
N ILE A 126 20.56 4.07 9.49
CA ILE A 126 19.24 3.60 9.08
C ILE A 126 18.21 3.83 10.21
N MET A 127 18.70 3.85 11.45
CA MET A 127 17.82 3.88 12.63
C MET A 127 17.41 5.29 13.03
N LYS A 128 17.93 6.30 12.35
CA LYS A 128 17.80 7.69 12.75
C LYS A 128 16.87 8.46 11.80
N TYR A 129 16.08 9.34 12.40
CA TYR A 129 15.28 10.31 11.68
C TYR A 129 15.69 11.69 12.13
N ASP A 130 16.16 12.48 11.18
CA ASP A 130 16.69 13.80 11.47
C ASP A 130 17.70 13.78 12.61
N GLY A 131 18.59 12.78 12.58
CA GLY A 131 19.70 12.68 13.47
C GLY A 131 19.42 12.05 14.83
N HIS A 132 18.18 11.66 15.06
CA HIS A 132 17.79 11.01 16.31
C HIS A 132 17.41 9.56 16.10
N TYR A 133 17.88 8.68 16.97
CA TYR A 133 17.42 7.31 16.94
C TYR A 133 15.91 7.26 17.17
N VAL A 134 15.21 6.55 16.32
CA VAL A 134 13.78 6.29 16.45
C VAL A 134 13.43 4.79 16.39
N ALA A 135 14.47 3.97 16.15
CA ALA A 135 14.30 2.54 16.07
C ALA A 135 15.58 1.90 16.59
N VAL A 136 15.45 0.66 17.06
CA VAL A 136 16.59 -0.10 17.57
CA VAL A 136 16.60 -0.08 17.53
C VAL A 136 16.71 -1.39 16.73
N PRO A 137 17.93 -1.68 16.24
CA PRO A 137 18.08 -2.91 15.46
C PRO A 137 18.32 -4.08 16.43
N VAL A 138 18.02 -5.30 15.94
CA VAL A 138 18.25 -6.48 16.75
C VAL A 138 19.20 -7.46 16.09
N ASN A 139 19.48 -7.37 14.78
CA ASN A 139 20.23 -8.40 14.10
C ASN A 139 20.73 -7.92 12.76
N ILE A 140 21.52 -8.81 12.12
CA ILE A 140 21.85 -8.65 10.72
C ILE A 140 21.63 -10.01 10.06
N HIS A 141 20.52 -10.13 9.37
CA HIS A 141 20.30 -11.29 8.50
C HIS A 141 21.07 -11.09 7.20
N ARG A 142 21.54 -12.22 6.66
CA ARG A 142 22.08 -12.30 5.31
C ARG A 142 21.05 -12.94 4.39
N VAL A 143 20.73 -12.28 3.27
CA VAL A 143 19.72 -12.78 2.39
C VAL A 143 20.30 -13.80 1.39
N ASN A 144 21.51 -13.55 0.90
CA ASN A 144 22.09 -14.28 -0.26
C ASN A 144 22.77 -15.61 0.11
N TRP A 145 22.01 -16.46 0.79
CA TRP A 145 22.40 -17.85 1.07
C TRP A 145 21.65 -18.86 0.20
N LEU A 146 22.30 -20.01 0.03
CA LEU A 146 21.71 -21.23 -0.52
C LEU A 146 21.89 -22.33 0.50
N TRP A 147 20.79 -23.01 0.86
CA TRP A 147 20.74 -24.07 1.84
C TRP A 147 20.72 -25.38 1.10
N ILE A 148 21.59 -26.28 1.55
CA ILE A 148 21.78 -27.58 0.95
C ILE A 148 21.51 -28.69 1.96
N ASN A 149 20.88 -29.77 1.49
CA ASN A 149 20.79 -30.98 2.28
C ASN A 149 21.87 -31.92 1.71
N PRO A 150 22.97 -32.11 2.46
CA PRO A 150 24.09 -32.90 1.92
C PRO A 150 23.74 -34.36 1.72
N GLN A 151 22.79 -34.88 2.49
CA GLN A 151 22.39 -36.29 2.35
C GLN A 151 21.66 -36.49 1.03
N VAL A 152 20.80 -35.54 0.68
CA VAL A 152 20.10 -35.53 -0.60
C VAL A 152 21.12 -35.35 -1.75
N PHE A 153 22.05 -34.43 -1.60
CA PHE A 153 23.11 -34.27 -2.60
C PHE A 153 23.88 -35.56 -2.81
N ASP A 154 24.23 -36.25 -1.72
CA ASP A 154 24.95 -37.54 -1.81
C ASP A 154 24.14 -38.56 -2.56
N LYS A 155 22.85 -38.68 -2.24
CA LYS A 155 21.98 -39.63 -2.97
C LYS A 155 21.89 -39.33 -4.48
N ALA A 156 21.88 -38.05 -4.83
CA ALA A 156 21.70 -37.60 -6.21
C ALA A 156 23.03 -37.55 -6.96
N GLY A 157 24.14 -37.79 -6.28
CA GLY A 157 25.47 -37.61 -6.87
C GLY A 157 25.76 -36.20 -7.30
N ALA A 158 25.15 -35.24 -6.60
CA ALA A 158 25.24 -33.82 -6.96
C ALA A 158 26.34 -33.11 -6.19
N LYS A 159 26.92 -32.09 -6.82
CA LYS A 159 27.98 -31.30 -6.21
C LYS A 159 27.41 -29.97 -5.72
N VAL A 160 27.82 -29.55 -4.54
CA VAL A 160 27.42 -28.27 -3.99
C VAL A 160 27.89 -27.17 -4.94
N PRO A 161 26.97 -26.30 -5.38
CA PRO A 161 27.35 -25.36 -6.44
C PRO A 161 28.01 -24.08 -5.97
N THR A 162 29.00 -23.63 -6.73
CA THR A 162 29.68 -22.39 -6.49
C THR A 162 29.46 -21.35 -7.60
N THR A 163 28.88 -21.79 -8.71
CA THR A 163 28.59 -20.96 -9.88
C THR A 163 27.16 -21.25 -10.34
N LEU A 164 26.58 -20.36 -11.13
CA LEU A 164 25.24 -20.60 -11.68
C LEU A 164 25.19 -21.88 -12.53
N ASP A 165 26.22 -22.11 -13.33
CA ASP A 165 26.28 -23.33 -14.13
C ASP A 165 26.22 -24.55 -13.23
N GLU A 166 26.95 -24.53 -12.11
CA GLU A 166 26.92 -25.65 -11.17
C GLU A 166 25.57 -25.76 -10.47
N LEU A 167 24.89 -24.63 -10.27
CA LEU A 167 23.58 -24.67 -9.67
C LEU A 167 22.60 -25.46 -10.54
N PHE A 168 22.60 -25.20 -11.85
CA PHE A 168 21.73 -25.92 -12.75
C PHE A 168 22.13 -27.38 -12.90
N ALA A 169 23.44 -27.66 -12.89
CA ALA A 169 23.92 -29.03 -12.94
C ALA A 169 23.41 -29.82 -11.73
N ALA A 170 23.46 -29.21 -10.54
CA ALA A 170 22.97 -29.84 -9.34
C ALA A 170 21.48 -30.05 -9.44
N ALA A 171 20.76 -29.05 -9.93
CA ALA A 171 19.31 -29.15 -10.07
C ALA A 171 18.92 -30.28 -11.03
N ASP A 172 19.64 -30.42 -12.14
CA ASP A 172 19.42 -31.54 -13.07
C ASP A 172 19.54 -32.88 -12.37
N LYS A 173 20.59 -33.05 -11.57
CA LYS A 173 20.82 -34.31 -10.86
C LYS A 173 19.76 -34.58 -9.81
N LEU A 174 19.40 -33.56 -9.04
CA LEU A 174 18.35 -33.75 -8.05
C LEU A 174 17.03 -34.17 -8.68
N LYS A 175 16.68 -33.50 -9.78
CA LYS A 175 15.47 -33.85 -10.51
C LYS A 175 15.54 -35.30 -10.98
N ALA A 176 16.65 -35.66 -11.61
CA ALA A 176 16.80 -37.04 -12.10
C ALA A 176 16.64 -38.08 -10.98
N ALA A 177 17.12 -37.72 -9.79
CA ALA A 177 17.08 -38.57 -8.61
C ALA A 177 15.69 -38.61 -7.96
N GLY A 178 14.74 -37.81 -8.46
CA GLY A 178 13.38 -37.81 -7.92
C GLY A 178 13.15 -36.94 -6.69
N PHE A 179 14.00 -35.94 -6.50
CA PHE A 179 13.86 -34.94 -5.44
C PHE A 179 13.34 -33.66 -6.05
N ILE A 180 12.71 -32.84 -5.22
CA ILE A 180 12.44 -31.46 -5.59
C ILE A 180 13.82 -30.79 -5.64
N PRO A 181 14.24 -30.26 -6.80
CA PRO A 181 15.59 -29.62 -6.77
C PRO A 181 15.65 -28.34 -5.92
N LEU A 182 14.70 -27.45 -6.15
CA LEU A 182 14.62 -26.19 -5.40
C LEU A 182 13.27 -26.10 -4.73
N ALA A 183 13.31 -26.12 -3.40
CA ALA A 183 12.11 -25.89 -2.62
C ALA A 183 11.90 -24.38 -2.55
N HIS A 184 10.77 -23.93 -3.09
CA HIS A 184 10.45 -22.52 -3.21
C HIS A 184 8.96 -22.35 -2.97
N GLY A 185 8.62 -21.29 -2.28
CA GLY A 185 7.23 -21.00 -2.09
C GLY A 185 6.80 -19.92 -3.05
N GLY A 186 5.62 -20.07 -3.64
CA GLY A 186 5.18 -19.12 -4.64
C GLY A 186 4.51 -17.94 -3.93
N GLN A 187 5.33 -17.01 -3.42
CA GLN A 187 4.83 -15.73 -2.87
C GLN A 187 5.73 -14.66 -3.38
N PRO A 188 5.19 -13.45 -3.63
CA PRO A 188 6.05 -12.46 -4.28
C PRO A 188 7.38 -12.13 -3.59
N TRP A 189 7.36 -11.99 -2.28
CA TRP A 189 8.60 -11.68 -1.60
C TRP A 189 9.66 -12.79 -1.75
N GLN A 190 9.21 -14.04 -1.86
CA GLN A 190 10.14 -15.17 -2.06
C GLN A 190 10.69 -15.14 -3.47
N ASP A 191 9.81 -14.89 -4.44
CA ASP A 191 10.25 -14.78 -5.85
C ASP A 191 11.31 -13.70 -6.00
N SER A 192 11.13 -12.57 -5.33
CA SER A 192 12.07 -11.47 -5.43
C SER A 192 13.33 -11.68 -4.61
N THR A 193 13.26 -12.50 -3.57
CA THR A 193 14.47 -12.90 -2.85
C THR A 193 15.40 -13.65 -3.83
N VAL A 194 14.82 -14.58 -4.59
CA VAL A 194 15.57 -15.33 -5.61
C VAL A 194 16.05 -14.40 -6.72
N PHE A 195 15.15 -13.55 -7.21
CA PHE A 195 15.56 -12.61 -8.23
C PHE A 195 16.71 -11.72 -7.77
N GLU A 196 16.62 -11.12 -6.59
CA GLU A 196 17.70 -10.23 -6.18
C GLU A 196 19.03 -10.98 -6.05
N ASP A 197 18.99 -12.23 -5.63
CA ASP A 197 20.21 -13.07 -5.59
C ASP A 197 20.83 -13.20 -6.99
N LEU A 198 19.98 -13.37 -7.99
CA LEU A 198 20.44 -13.45 -9.37
C LEU A 198 21.02 -12.13 -9.84
N VAL A 199 20.39 -11.02 -9.51
CA VAL A 199 20.92 -9.72 -9.91
C VAL A 199 22.31 -9.53 -9.25
N LEU A 200 22.40 -9.80 -7.95
CA LEU A 200 23.68 -9.67 -7.25
C LEU A 200 24.75 -10.59 -7.87
N SER A 201 24.36 -11.78 -8.24
CA SER A 201 25.27 -12.77 -8.85
C SER A 201 25.78 -12.35 -10.23
N ILE A 202 24.88 -11.86 -11.07
CA ILE A 202 25.19 -11.53 -12.48
C ILE A 202 25.77 -10.11 -12.61
N LEU A 203 25.11 -9.11 -12.01
CA LEU A 203 25.56 -7.73 -12.13
C LEU A 203 26.72 -7.40 -11.21
N GLY A 204 26.84 -8.13 -10.10
CA GLY A 204 27.81 -7.78 -9.09
C GLY A 204 27.25 -6.73 -8.16
N PRO A 205 27.95 -6.48 -7.06
CA PRO A 205 27.39 -5.58 -6.05
C PRO A 205 27.23 -4.12 -6.54
N LYS A 206 28.14 -3.60 -7.35
CA LYS A 206 28.02 -2.23 -7.83
C LYS A 206 26.81 -2.09 -8.75
N GLY A 207 26.61 -3.09 -9.61
CA GLY A 207 25.44 -3.11 -10.53
C GLY A 207 24.14 -3.25 -9.76
N TYR A 208 24.16 -4.12 -8.75
CA TYR A 208 23.03 -4.32 -7.86
CA TYR A 208 23.03 -4.31 -7.86
C TYR A 208 22.64 -2.99 -7.20
N HIS A 209 23.63 -2.26 -6.70
CA HIS A 209 23.42 -0.97 -6.06
C HIS A 209 22.78 0.02 -7.03
N ALA A 210 23.33 0.07 -8.24
CA ALA A 210 22.82 0.95 -9.30
C ALA A 210 21.35 0.67 -9.62
N ALA A 211 21.01 -0.61 -9.71
CA ALA A 211 19.66 -1.00 -10.03
C ALA A 211 18.68 -0.72 -8.92
N PHE A 212 18.98 -1.13 -7.70
CA PHE A 212 18.00 -1.19 -6.62
CA PHE A 212 17.96 -1.16 -6.66
C PHE A 212 18.05 -0.01 -5.66
N VAL A 213 19.23 0.56 -5.48
CA VAL A 213 19.37 1.71 -4.58
C VAL A 213 19.21 2.99 -5.38
N ASP A 214 19.94 3.10 -6.49
CA ASP A 214 19.90 4.30 -7.32
C ASP A 214 18.77 4.31 -8.36
N LEU A 215 18.18 3.15 -8.62
CA LEU A 215 17.07 3.03 -9.58
C LEU A 215 17.49 3.60 -10.93
N ASP A 216 18.70 3.26 -11.33
CA ASP A 216 19.31 3.72 -12.56
C ASP A 216 18.66 3.04 -13.77
N GLU A 217 18.05 3.83 -14.64
CA GLU A 217 17.33 3.31 -15.81
C GLU A 217 18.21 2.43 -16.71
N LYS A 218 19.44 2.84 -17.00
CA LYS A 218 20.29 2.06 -17.91
C LYS A 218 20.61 0.67 -17.33
N THR A 219 20.78 0.60 -16.01
CA THR A 219 21.02 -0.68 -15.35
C THR A 219 19.76 -1.53 -15.32
N LEU A 220 18.64 -0.90 -14.98
CA LEU A 220 17.37 -1.60 -14.87
C LEU A 220 16.94 -2.22 -16.20
N THR A 221 17.38 -1.62 -17.32
CA THR A 221 16.93 -2.05 -18.65
C THR A 221 18.07 -2.64 -19.48
N GLY A 222 19.17 -2.98 -18.84
CA GLY A 222 20.36 -3.44 -19.58
C GLY A 222 20.43 -4.93 -19.86
N PRO A 223 21.46 -5.35 -20.61
CA PRO A 223 21.60 -6.77 -20.96
C PRO A 223 21.80 -7.69 -19.75
N GLN A 224 22.47 -7.18 -18.71
CA GLN A 224 22.74 -8.01 -17.55
C GLN A 224 21.45 -8.22 -16.79
N MET A 225 20.64 -7.17 -16.59
CA MET A 225 19.34 -7.30 -15.93
C MET A 225 18.44 -8.23 -16.74
N THR A 226 18.56 -8.13 -18.06
CA THR A 226 17.84 -8.99 -18.99
C THR A 226 18.27 -10.46 -18.76
N GLU A 227 19.58 -10.68 -18.62
CA GLU A 227 20.08 -12.01 -18.33
C GLU A 227 19.62 -12.52 -16.95
N ALA A 228 19.47 -11.63 -15.97
CA ALA A 228 18.96 -12.05 -14.67
C ALA A 228 17.54 -12.61 -14.83
N PHE A 229 16.70 -11.94 -15.61
CA PHE A 229 15.37 -12.45 -15.87
C PHE A 229 15.39 -13.80 -16.64
N ALA A 230 16.25 -13.94 -17.65
CA ALA A 230 16.38 -15.22 -18.37
C ALA A 230 16.77 -16.33 -17.40
N THR A 231 17.68 -16.03 -16.49
CA THR A 231 18.13 -17.03 -15.52
C THR A 231 17.01 -17.37 -14.52
N LEU A 232 16.22 -16.37 -14.10
CA LEU A 232 15.10 -16.61 -13.22
C LEU A 232 14.08 -17.54 -13.88
N LYS A 233 13.79 -17.32 -15.15
CA LYS A 233 12.88 -18.18 -15.89
C LYS A 233 13.35 -19.66 -15.91
N ARG A 234 14.65 -19.85 -16.12
CA ARG A 234 15.16 -21.21 -16.11
C ARG A 234 15.08 -21.84 -14.73
N LEU A 235 15.42 -21.06 -13.71
CA LEU A 235 15.31 -21.54 -12.35
C LEU A 235 13.88 -22.01 -12.06
N GLY A 236 12.89 -21.29 -12.56
CA GLY A 236 11.50 -21.66 -12.34
C GLY A 236 11.15 -23.07 -12.82
N THR A 237 11.86 -23.55 -13.83
CA THR A 237 11.64 -24.92 -14.36
C THR A 237 12.09 -26.03 -13.40
N TYR A 238 12.81 -25.67 -12.34
CA TYR A 238 13.33 -26.62 -11.37
C TYR A 238 12.63 -26.51 -10.01
N MET A 239 11.49 -25.83 -10.00
CA MET A 239 10.62 -25.66 -8.83
C MET A 239 9.34 -26.50 -9.02
N ASP A 240 8.63 -26.77 -7.92
CA ASP A 240 7.32 -27.43 -7.96
C ASP A 240 6.32 -26.50 -8.69
N PRO A 241 5.66 -26.99 -9.76
CA PRO A 241 4.67 -26.15 -10.46
C PRO A 241 3.47 -25.68 -9.62
N ASN A 242 3.12 -26.44 -8.58
CA ASN A 242 1.97 -26.07 -7.72
C ASN A 242 2.41 -25.55 -6.34
N ARG A 243 3.29 -24.55 -6.40
CA ARG A 243 3.91 -23.97 -5.21
C ARG A 243 3.21 -22.70 -4.75
N ALA A 244 2.20 -22.26 -5.49
CA ALA A 244 1.52 -20.99 -5.15
C ALA A 244 1.06 -21.00 -3.70
N GLY A 245 1.39 -19.92 -2.98
CA GLY A 245 0.92 -19.75 -1.60
C GLY A 245 1.75 -20.47 -0.53
N ARG A 246 2.79 -21.20 -0.93
CA ARG A 246 3.50 -22.04 0.01
C ARG A 246 4.40 -21.16 0.89
N ASP A 247 4.19 -21.21 2.21
CA ASP A 247 5.00 -20.38 3.10
C ASP A 247 6.44 -20.81 3.09
N TRP A 248 7.32 -19.87 3.39
CA TRP A 248 8.76 -20.13 3.32
CA TRP A 248 8.75 -20.12 3.33
C TRP A 248 9.20 -21.26 4.23
N ASN A 249 8.53 -21.44 5.36
CA ASN A 249 8.86 -22.50 6.32
CA ASN A 249 8.91 -22.49 6.30
C ASN A 249 8.46 -23.88 5.82
N ILE A 250 7.47 -23.92 4.91
CA ILE A 250 7.04 -25.14 4.21
CA ILE A 250 7.07 -25.18 4.30
C ILE A 250 8.12 -25.58 3.27
N ALA A 251 8.65 -24.62 2.52
CA ALA A 251 9.78 -24.88 1.64
C ALA A 251 10.98 -25.37 2.42
N ALA A 252 11.30 -24.71 3.54
CA ALA A 252 12.41 -25.15 4.35
C ALA A 252 12.20 -26.56 4.85
N ALA A 253 11.00 -26.89 5.27
CA ALA A 253 10.68 -28.24 5.73
C ALA A 253 10.92 -29.30 4.67
N GLU A 254 10.65 -28.97 3.40
CA GLU A 254 10.90 -29.93 2.28
C GLU A 254 12.37 -30.32 2.27
N VAL A 255 13.25 -29.36 2.51
CA VAL A 255 14.68 -29.64 2.57
C VAL A 255 15.05 -30.40 3.84
N ILE A 256 14.58 -29.92 5.00
CA ILE A 256 14.84 -30.61 6.25
C ILE A 256 14.40 -32.07 6.22
N ASN A 257 13.27 -32.36 5.58
CA ASN A 257 12.68 -33.68 5.54
C ASN A 257 13.25 -34.56 4.43
N GLY A 258 14.20 -34.03 3.66
CA GLY A 258 14.89 -34.84 2.65
C GLY A 258 14.11 -35.01 1.37
N LYS A 259 13.10 -34.17 1.13
CA LYS A 259 12.27 -34.21 -0.07
C LYS A 259 12.81 -33.32 -1.18
N ALA A 260 13.63 -32.35 -0.78
CA ALA A 260 14.22 -31.36 -1.68
C ALA A 260 15.70 -31.24 -1.35
N GLY A 261 16.46 -30.87 -2.37
CA GLY A 261 17.88 -30.68 -2.18
C GLY A 261 18.35 -29.31 -1.67
N MET A 262 17.65 -28.26 -2.08
CA MET A 262 18.13 -26.90 -1.87
C MET A 262 16.98 -25.95 -1.62
N GLN A 263 17.29 -24.87 -0.88
CA GLN A 263 16.39 -23.73 -0.76
C GLN A 263 17.24 -22.47 -0.87
N ILE A 264 16.76 -21.54 -1.71
CA ILE A 264 17.33 -20.21 -1.83
C ILE A 264 16.57 -19.29 -0.86
N MET A 265 17.20 -18.93 0.25
CA MET A 265 16.52 -18.15 1.29
C MET A 265 17.57 -17.53 2.20
N GLY A 266 17.17 -16.46 2.89
CA GLY A 266 18.04 -15.86 3.89
C GLY A 266 18.20 -16.73 5.12
N ASP A 267 19.03 -16.30 6.06
CA ASP A 267 19.38 -17.15 7.18
C ASP A 267 18.33 -17.24 8.31
N TRP A 268 17.17 -16.61 8.15
CA TRP A 268 16.05 -17.03 8.93
C TRP A 268 15.68 -18.50 8.64
N ALA A 269 16.09 -19.02 7.48
CA ALA A 269 15.87 -20.44 7.24
C ALA A 269 16.61 -21.31 8.26
N LYS A 270 17.79 -20.86 8.71
CA LYS A 270 18.54 -21.59 9.70
C LYS A 270 17.79 -21.83 10.99
N SER A 271 16.90 -20.89 11.33
CA SER A 271 16.09 -21.04 12.53
C SER A 271 15.22 -22.30 12.49
N GLU A 272 14.80 -22.70 11.29
CA GLU A 272 13.97 -23.90 11.16
C GLU A 272 14.82 -25.16 11.36
N TRP A 273 16.03 -25.15 10.83
CA TRP A 273 16.99 -26.25 11.04
C TRP A 273 17.33 -26.38 12.52
N SER A 274 17.63 -25.24 13.18
CA SER A 274 17.97 -25.26 14.60
C SER A 274 16.79 -25.75 15.44
N ALA A 275 15.57 -25.26 15.15
CA ALA A 275 14.38 -25.69 15.88
C ALA A 275 14.08 -27.19 15.73
N ALA A 276 14.49 -27.79 14.62
CA ALA A 276 14.40 -29.26 14.41
C ALA A 276 15.57 -30.04 15.01
N GLY A 277 16.49 -29.37 15.69
CA GLY A 277 17.62 -30.05 16.33
C GLY A 277 18.69 -30.50 15.36
N LYS A 278 18.74 -29.88 14.18
CA LYS A 278 19.68 -30.29 13.14
C LYS A 278 21.03 -29.54 13.28
N VAL A 279 22.09 -30.13 12.72
CA VAL A 279 23.44 -29.57 12.83
C VAL A 279 24.11 -29.43 11.46
N ALA A 280 24.97 -28.44 11.36
CA ALA A 280 25.70 -28.15 10.12
C ALA A 280 26.64 -29.30 9.76
N GLY A 281 26.88 -29.44 8.47
CA GLY A 281 27.74 -30.50 7.98
C GLY A 281 26.97 -31.80 7.81
N LYS A 282 26.49 -32.35 8.92
CA LYS A 282 25.73 -33.59 8.92
C LYS A 282 24.40 -33.42 8.20
N ASP A 283 23.64 -32.39 8.60
CA ASP A 283 22.24 -32.25 8.22
C ASP A 283 22.01 -31.19 7.17
N TYR A 284 22.73 -30.07 7.25
CA TYR A 284 22.58 -29.00 6.29
CA TYR A 284 22.59 -29.02 6.25
C TYR A 284 23.93 -28.33 6.06
N GLN A 285 24.05 -27.65 4.92
CA GLN A 285 25.15 -26.74 4.66
C GLN A 285 24.54 -25.45 4.15
N CYS A 286 25.25 -24.37 4.35
CA CYS A 286 25.02 -23.01 3.91
CA CYS A 286 24.89 -23.18 3.60
C CYS A 286 26.09 -22.67 2.89
N VAL A 287 25.83 -22.18 1.70
CA VAL A 287 26.86 -21.57 0.86
C VAL A 287 26.32 -20.27 0.32
N ALA A 288 27.23 -19.34 0.04
CA ALA A 288 26.81 -18.11 -0.59
C ALA A 288 26.04 -18.43 -1.85
N PHE A 289 25.00 -17.67 -2.16
CA PHE A 289 24.28 -17.95 -3.38
C PHE A 289 25.29 -17.90 -4.54
N PRO A 290 25.29 -18.94 -5.42
CA PRO A 290 26.33 -19.01 -6.43
C PRO A 290 26.57 -17.73 -7.24
N GLY A 291 27.84 -17.33 -7.27
CA GLY A 291 28.28 -16.15 -7.99
C GLY A 291 28.20 -14.87 -7.16
N THR A 292 27.69 -14.95 -5.95
CA THR A 292 27.62 -13.79 -5.02
C THR A 292 28.72 -13.79 -3.95
N GLN A 293 29.66 -14.73 -4.03
CA GLN A 293 30.77 -14.76 -3.10
C GLN A 293 31.41 -13.38 -3.00
N GLY A 294 31.64 -12.91 -1.79
CA GLY A 294 32.26 -11.61 -1.58
C GLY A 294 31.23 -10.51 -1.35
N SER A 295 29.96 -10.81 -1.60
CA SER A 295 28.86 -9.86 -1.38
C SER A 295 28.01 -10.35 -0.24
N PHE A 296 27.40 -9.39 0.44
CA PHE A 296 26.55 -9.67 1.59
C PHE A 296 25.31 -8.78 1.46
N ALA A 297 24.17 -9.38 1.16
CA ALA A 297 22.93 -8.65 1.03
C ALA A 297 22.32 -8.65 2.41
N TYR A 298 22.30 -7.48 3.07
CA TYR A 298 21.87 -7.41 4.46
C TYR A 298 20.39 -7.06 4.62
N ASN A 299 19.81 -7.59 5.69
CA ASN A 299 18.46 -7.38 6.11
C ASN A 299 18.52 -7.18 7.62
N ILE A 300 18.20 -5.98 8.07
CA ILE A 300 18.29 -5.63 9.49
CA ILE A 300 18.28 -5.58 9.49
C ILE A 300 16.89 -5.52 10.06
N ASP A 301 16.53 -6.44 10.94
CA ASP A 301 15.28 -6.32 11.68
C ASP A 301 15.46 -5.23 12.74
N SER A 302 14.51 -4.32 12.79
CA SER A 302 14.54 -3.20 13.69
C SER A 302 13.15 -2.96 14.20
N LEU A 303 13.10 -2.47 15.44
CA LEU A 303 11.88 -2.14 16.15
C LEU A 303 11.77 -0.62 16.31
N ALA A 304 10.86 -0.04 15.53
CA ALA A 304 10.60 1.38 15.60
C ALA A 304 9.71 1.64 16.81
N MET A 305 10.10 2.66 17.59
CA MET A 305 9.46 2.91 18.86
C MET A 305 8.45 4.06 18.71
N PHE A 306 7.19 3.76 18.99
CA PHE A 306 6.11 4.73 18.87
C PHE A 306 5.98 5.59 20.10
N LYS A 307 5.62 6.85 19.87
CA LYS A 307 5.29 7.72 20.98
C LYS A 307 4.06 7.18 21.71
N LEU A 308 4.21 6.94 23.02
CA LEU A 308 3.14 6.39 23.85
C LEU A 308 2.62 7.42 24.85
N LYS A 309 1.43 7.17 25.37
CA LYS A 309 0.77 8.07 26.30
C LYS A 309 0.91 7.60 27.74
N ASP A 310 0.88 6.30 28.00
CA ASP A 310 0.79 5.79 29.37
C ASP A 310 2.16 5.70 30.04
N ALA A 311 2.27 6.24 31.25
CA ALA A 311 3.56 6.37 31.94
C ALA A 311 4.26 5.02 32.16
N ASN A 312 3.51 4.03 32.60
CA ASN A 312 4.09 2.72 32.85
C ASN A 312 4.47 2.01 31.54
N ASP A 313 3.68 2.23 30.50
CA ASP A 313 4.03 1.68 29.17
C ASP A 313 5.28 2.36 28.60
N ILE A 314 5.51 3.65 28.87
CA ILE A 314 6.75 4.31 28.46
C ILE A 314 7.94 3.65 29.17
N LYS A 315 7.81 3.37 30.47
CA LYS A 315 8.88 2.68 31.20
C LYS A 315 9.15 1.29 30.58
N ALA A 316 8.08 0.57 30.25
CA ALA A 316 8.20 -0.75 29.62
C ALA A 316 8.91 -0.62 28.27
N GLN A 317 8.55 0.40 27.51
CA GLN A 317 9.15 0.64 26.20
C GLN A 317 10.64 0.93 26.35
N ASN A 318 11.01 1.71 27.37
CA ASN A 318 12.40 2.02 27.61
C ASN A 318 13.16 0.73 27.99
N ASP A 319 12.50 -0.17 28.70
CA ASP A 319 13.09 -1.46 29.01
C ASP A 319 13.31 -2.28 27.74
N LEU A 320 12.32 -2.29 26.84
CA LEU A 320 12.49 -2.97 25.54
C LEU A 320 13.69 -2.43 24.79
N ALA A 321 13.80 -1.11 24.72
CA ALA A 321 14.94 -0.51 24.02
C ALA A 321 16.30 -0.90 24.63
N LYS A 322 16.33 -1.01 25.95
CA LYS A 322 17.54 -1.46 26.66
C LYS A 322 17.84 -2.93 26.33
N VAL A 323 16.81 -3.77 26.39
CA VAL A 323 16.99 -5.19 26.17
C VAL A 323 17.56 -5.51 24.77
N ALA A 324 17.07 -4.78 23.78
CA ALA A 324 17.36 -5.11 22.38
C ALA A 324 18.83 -5.27 22.11
N LEU A 325 19.68 -4.46 22.73
CA LEU A 325 21.12 -4.47 22.52
C LEU A 325 21.90 -5.02 23.71
N GLU A 326 21.23 -5.59 24.72
CA GLU A 326 21.93 -6.25 25.83
C GLU A 326 22.70 -7.45 25.24
N PRO A 327 23.90 -7.71 25.77
CA PRO A 327 24.74 -8.78 25.21
C PRO A 327 24.08 -10.18 25.34
N GLU A 328 23.44 -10.46 26.46
CA GLU A 328 22.80 -11.76 26.68
C GLU A 328 21.65 -11.99 25.69
N PHE A 329 20.82 -10.98 25.50
CA PHE A 329 19.73 -11.06 24.55
C PHE A 329 20.26 -11.14 23.12
N GLN A 330 21.27 -10.33 22.80
CA GLN A 330 21.87 -10.39 21.44
C GLN A 330 22.38 -11.79 21.14
N THR A 331 22.86 -12.51 22.15
CA THR A 331 23.30 -13.87 21.91
C THR A 331 22.13 -14.82 21.72
N VAL A 332 21.22 -14.92 22.67
CA VAL A 332 20.18 -15.95 22.62
CA VAL A 332 20.20 -15.96 22.61
C VAL A 332 19.19 -15.66 21.51
N PHE A 333 18.81 -14.40 21.32
CA PHE A 333 17.87 -14.09 20.24
C PHE A 333 18.45 -14.59 18.91
N ASN A 334 19.70 -14.21 18.65
CA ASN A 334 20.30 -14.47 17.36
C ASN A 334 20.68 -15.91 17.16
N GLN A 335 21.07 -16.60 18.22
CA GLN A 335 21.22 -18.07 18.12
C GLN A 335 19.94 -18.73 17.59
N ASN A 336 18.82 -18.33 18.16
CA ASN A 336 17.54 -18.89 17.75
C ASN A 336 17.04 -18.35 16.39
N LYS A 337 17.34 -17.09 16.08
CA LYS A 337 16.83 -16.44 14.91
C LYS A 337 17.53 -16.82 13.61
N GLY A 338 18.79 -17.18 13.72
CA GLY A 338 19.59 -17.54 12.54
C GLY A 338 20.47 -16.45 12.00
N SER A 339 20.30 -15.24 12.53
CA SER A 339 21.05 -14.07 12.16
C SER A 339 22.31 -13.80 12.98
N LEU A 340 23.12 -12.87 12.50
CA LEU A 340 24.18 -12.28 13.26
C LEU A 340 23.61 -11.34 14.31
N PRO A 341 24.29 -11.20 15.45
CA PRO A 341 24.00 -10.06 16.29
C PRO A 341 24.42 -8.78 15.58
N VAL A 342 23.73 -7.68 15.91
CA VAL A 342 24.05 -6.37 15.37
C VAL A 342 25.04 -5.60 16.25
N ARG A 343 25.09 -5.95 17.52
CA ARG A 343 26.04 -5.35 18.44
C ARG A 343 27.47 -5.82 18.09
N GLN A 344 28.42 -4.88 18.03
CA GLN A 344 29.78 -5.11 17.55
C GLN A 344 30.70 -5.76 18.54
N ASP A 345 30.40 -5.75 19.82
CA ASP A 345 31.48 -6.30 20.69
C ASP A 345 31.37 -7.81 21.01
N MET A 346 30.64 -8.58 20.21
CA MET A 346 30.20 -9.91 20.61
CA MET A 346 30.21 -9.91 20.66
C MET A 346 31.28 -10.98 20.47
N ASP A 347 31.19 -11.99 21.34
CA ASP A 347 32.01 -13.20 21.26
C ASP A 347 31.35 -14.10 20.22
N MET A 348 31.87 -14.07 18.99
CA MET A 348 31.26 -14.81 17.90
C MET A 348 31.40 -16.34 18.02
N SER A 349 32.31 -16.78 18.87
CA SER A 349 32.48 -18.22 19.12
C SER A 349 31.25 -18.87 19.81
N LYS A 350 30.33 -18.06 20.31
CA LYS A 350 29.13 -18.60 20.96
C LYS A 350 28.02 -18.92 19.97
N PHE A 351 28.23 -18.59 18.70
CA PHE A 351 27.26 -18.90 17.66
C PHE A 351 27.68 -20.11 16.85
N ASP A 352 26.77 -20.61 16.04
CA ASP A 352 27.04 -21.81 15.26
C ASP A 352 27.98 -21.51 14.10
N ALA A 353 28.42 -22.57 13.41
CA ALA A 353 29.40 -22.39 12.36
C ALA A 353 28.93 -21.53 11.21
N CYS A 354 27.66 -21.66 10.87
CA CYS A 354 27.10 -20.90 9.76
C CYS A 354 27.03 -19.38 10.08
N THR A 355 26.70 -19.05 11.32
CA THR A 355 26.70 -17.66 11.73
C THR A 355 28.11 -17.13 11.77
N GLN A 356 29.09 -17.95 12.19
CA GLN A 356 30.47 -17.48 12.14
C GLN A 356 30.92 -17.27 10.68
N LYS A 357 30.48 -18.13 9.75
CA LYS A 357 30.74 -17.88 8.33
CA LYS A 357 30.72 -17.90 8.32
C LYS A 357 30.10 -16.56 7.90
N SER A 358 28.89 -16.31 8.33
CA SER A 358 28.21 -15.04 8.02
C SER A 358 29.02 -13.84 8.50
N ALA A 359 29.56 -13.92 9.70
CA ALA A 359 30.36 -12.84 10.24
C ALA A 359 31.61 -12.56 9.43
N ALA A 360 32.30 -13.63 9.06
CA ALA A 360 33.49 -13.48 8.26
C ALA A 360 33.13 -12.89 6.88
N ASP A 361 32.02 -13.34 6.32
CA ASP A 361 31.59 -12.87 5.01
C ASP A 361 31.14 -11.39 5.05
N PHE A 362 30.51 -10.99 6.15
CA PHE A 362 30.15 -9.60 6.38
C PHE A 362 31.40 -8.72 6.41
N LYS A 363 32.39 -9.14 7.20
CA LYS A 363 33.62 -8.39 7.35
C LYS A 363 34.29 -8.22 5.99
N GLU A 364 34.39 -9.31 5.21
CA GLU A 364 35.03 -9.26 3.89
C GLU A 364 34.27 -8.27 2.98
N ALA A 365 32.96 -8.46 2.89
CA ALA A 365 32.11 -7.60 2.06
C ALA A 365 32.22 -6.11 2.44
N ALA A 366 32.27 -5.84 3.74
CA ALA A 366 32.29 -4.47 4.24
C ALA A 366 33.57 -3.73 3.90
N LYS A 367 34.67 -4.46 3.69
CA LYS A 367 35.94 -3.86 3.26
C LYS A 367 35.88 -3.31 1.84
N GLY A 368 35.15 -3.97 0.94
CA GLY A 368 35.03 -3.51 -0.45
C GLY A 368 33.67 -2.89 -0.64
N ASP A 369 33.01 -3.21 -1.77
CA ASP A 369 31.66 -2.70 -2.09
C ASP A 369 30.59 -3.80 -2.00
N GLY A 370 30.93 -4.91 -1.35
CA GLY A 370 30.07 -6.05 -1.31
C GLY A 370 28.87 -5.99 -0.39
N LEU A 371 28.91 -5.10 0.59
CA LEU A 371 27.81 -4.98 1.50
C LEU A 371 26.71 -4.13 0.84
N GLN A 372 25.58 -4.76 0.61
CA GLN A 372 24.46 -4.16 -0.15
C GLN A 372 23.14 -4.42 0.53
N PRO A 373 22.27 -3.39 0.57
CA PRO A 373 20.98 -3.62 1.20
C PRO A 373 20.07 -4.54 0.38
N SER A 374 19.36 -5.47 1.02
CA SER A 374 18.39 -6.32 0.36
C SER A 374 17.20 -5.50 -0.10
N MET A 375 16.85 -5.63 -1.37
CA MET A 375 15.61 -5.05 -1.88
C MET A 375 14.39 -5.83 -1.41
N ALA A 376 14.44 -7.15 -1.45
CA ALA A 376 13.28 -7.96 -1.13
C ALA A 376 12.89 -7.89 0.35
N HIS A 377 13.82 -7.44 1.18
CA HIS A 377 13.61 -7.38 2.64
C HIS A 377 13.65 -5.96 3.17
N ASN A 378 13.38 -5.02 2.28
CA ASN A 378 12.90 -3.65 2.65
C ASN A 378 14.04 -2.69 2.95
N MET A 379 15.27 -3.07 2.67
CA MET A 379 16.41 -2.24 3.00
C MET A 379 16.85 -1.25 1.92
N ALA A 380 16.53 -1.53 0.66
CA ALA A 380 17.10 -0.80 -0.45
C ALA A 380 16.21 0.32 -0.96
N THR A 381 14.90 0.17 -0.76
CA THR A 381 13.90 1.00 -1.41
C THR A 381 12.75 1.36 -0.49
N THR A 382 11.95 2.31 -0.92
CA THR A 382 10.65 2.51 -0.31
C THR A 382 9.78 1.30 -0.59
N LEU A 383 8.74 1.15 0.23
CA LEU A 383 7.78 0.06 0.03
C LEU A 383 7.04 0.17 -1.29
N ALA A 384 6.74 1.39 -1.74
CA ALA A 384 6.04 1.52 -3.01
C ALA A 384 6.89 0.98 -4.15
N VAL A 385 8.17 1.31 -4.13
CA VAL A 385 9.05 0.84 -5.18
C VAL A 385 9.25 -0.67 -5.10
N GLN A 386 9.39 -1.19 -3.90
CA GLN A 386 9.46 -2.63 -3.70
C GLN A 386 8.25 -3.36 -4.27
N GLY A 387 7.07 -2.81 -4.04
CA GLY A 387 5.82 -3.43 -4.51
C GLY A 387 5.78 -3.53 -6.03
N ALA A 388 6.28 -2.49 -6.71
CA ALA A 388 6.36 -2.50 -8.16
C ALA A 388 7.27 -3.62 -8.63
N ILE A 389 8.44 -3.72 -8.02
CA ILE A 389 9.41 -4.75 -8.36
C ILE A 389 8.82 -6.15 -8.11
N PHE A 390 8.20 -6.33 -6.96
CA PHE A 390 7.58 -7.62 -6.65
C PHE A 390 6.57 -8.03 -7.71
N ASP A 391 5.76 -7.10 -8.15
CA ASP A 391 4.73 -7.41 -9.12
C ASP A 391 5.36 -7.82 -10.45
N VAL A 392 6.37 -7.07 -10.90
CA VAL A 392 7.03 -7.41 -12.16
C VAL A 392 7.63 -8.82 -12.10
N VAL A 393 8.32 -9.11 -11.00
CA VAL A 393 9.03 -10.38 -10.88
C VAL A 393 8.05 -11.56 -10.82
N THR A 394 6.98 -11.49 -10.00
N THR A 394 7.00 -11.42 -10.04
CA THR A 394 6.00 -12.63 -9.97
CA THR A 394 6.08 -12.52 -9.89
C THR A 394 5.30 -12.75 -11.29
C THR A 394 5.25 -12.72 -11.17
N ASN A 395 4.82 -11.63 -11.83
CA ASN A 395 4.11 -11.70 -13.11
CA ASN A 395 4.10 -11.72 -13.10
C ASN A 395 4.95 -12.44 -14.14
N PHE A 396 6.25 -12.14 -14.14
CA PHE A 396 7.18 -12.78 -15.05
C PHE A 396 7.31 -14.28 -14.76
N LEU A 397 7.52 -14.62 -13.50
N LEU A 397 7.56 -14.66 -13.50
CA LEU A 397 7.78 -16.02 -13.13
CA LEU A 397 7.70 -16.10 -13.16
C LEU A 397 6.51 -16.90 -13.25
C LEU A 397 6.46 -16.87 -13.49
N ASN A 398 5.34 -16.27 -13.13
CA ASN A 398 4.02 -16.89 -13.33
C ASN A 398 3.75 -17.31 -14.77
N ASP A 399 4.43 -16.65 -15.70
CA ASP A 399 4.19 -16.88 -17.13
C ASP A 399 5.41 -17.52 -17.82
N PRO A 400 5.37 -18.87 -17.97
CA PRO A 400 6.53 -19.56 -18.57
C PRO A 400 6.94 -19.06 -19.96
N GLN A 401 6.02 -18.43 -20.68
CA GLN A 401 6.29 -17.90 -22.02
C GLN A 401 6.76 -16.44 -22.03
N ALA A 402 6.87 -15.80 -20.86
CA ALA A 402 7.23 -14.38 -20.79
C ALA A 402 8.65 -14.09 -21.32
N GLU A 403 8.84 -12.87 -21.80
CA GLU A 403 10.10 -12.45 -22.44
C GLU A 403 10.91 -11.52 -21.52
N PRO A 404 12.19 -11.86 -21.23
N PRO A 404 12.20 -11.81 -21.32
CA PRO A 404 13.10 -11.04 -20.41
CA PRO A 404 13.01 -10.99 -20.42
C PRO A 404 13.30 -9.57 -20.88
C PRO A 404 13.17 -9.55 -20.89
N ALA A 405 13.20 -9.34 -22.22
CA ALA A 405 13.37 -8.01 -22.77
C ALA A 405 12.19 -7.09 -22.43
N THR A 406 11.00 -7.69 -22.35
CA THR A 406 9.78 -6.99 -21.90
C THR A 406 9.79 -6.74 -20.40
N ALA A 407 10.22 -7.75 -19.64
CA ALA A 407 10.31 -7.68 -18.18
C ALA A 407 11.13 -6.49 -17.68
N VAL A 408 12.27 -6.23 -18.36
CA VAL A 408 13.11 -5.13 -17.92
C VAL A 408 12.46 -3.78 -18.21
N LYS A 409 11.71 -3.68 -19.31
CA LYS A 409 10.96 -2.47 -19.61
C LYS A 409 9.86 -2.24 -18.60
N GLN A 410 9.15 -3.31 -18.24
CA GLN A 410 8.12 -3.22 -17.19
C GLN A 410 8.72 -2.86 -15.84
N LEU A 411 9.91 -3.41 -15.57
CA LEU A 411 10.58 -3.12 -14.31
C LEU A 411 10.89 -1.64 -14.15
N ASN A 412 11.51 -1.05 -15.16
CA ASN A 412 11.80 0.37 -15.14
C ASN A 412 10.54 1.22 -15.13
N ALA A 413 9.55 0.87 -15.96
CA ALA A 413 8.29 1.65 -16.02
C ALA A 413 7.51 1.62 -14.74
N ALA A 414 7.40 0.44 -14.14
CA ALA A 414 6.63 0.31 -12.92
C ALA A 414 7.30 1.03 -11.77
N ILE A 415 8.64 0.96 -11.68
CA ILE A 415 9.36 1.70 -10.64
C ILE A 415 9.10 3.21 -10.77
N LYS A 416 9.19 3.74 -11.99
CA LYS A 416 8.91 5.17 -12.23
C LYS A 416 7.49 5.58 -11.82
N ALA A 417 6.50 4.73 -12.09
CA ALA A 417 5.13 5.06 -11.79
C ALA A 417 4.82 4.98 -10.29
N ALA A 418 5.64 4.23 -9.54
CA ALA A 418 5.45 4.04 -8.10
C ALA A 418 5.98 5.19 -7.27
N ARG A 419 6.88 5.97 -7.87
CA ARG A 419 7.49 7.12 -7.21
C ARG A 419 6.69 8.41 -7.41
N ASN B 24 -19.63 -21.64 -23.75
CA ASN B 24 -19.21 -20.67 -22.68
C ASN B 24 -19.58 -19.28 -23.13
N PRO B 25 -20.56 -18.66 -22.47
CA PRO B 25 -20.97 -17.34 -22.91
C PRO B 25 -19.95 -16.24 -22.61
N GLY B 26 -19.17 -16.41 -21.55
CA GLY B 26 -18.22 -15.40 -21.10
C GLY B 26 -18.72 -14.75 -19.82
N THR B 27 -17.82 -14.59 -18.87
CA THR B 27 -18.12 -14.04 -17.57
C THR B 27 -17.25 -12.84 -17.34
N VAL B 28 -17.83 -11.80 -16.76
CA VAL B 28 -17.06 -10.65 -16.29
CA VAL B 28 -17.04 -10.66 -16.32
C VAL B 28 -17.08 -10.63 -14.79
N ASP B 29 -15.88 -10.58 -14.21
CA ASP B 29 -15.66 -10.55 -12.79
C ASP B 29 -15.21 -9.14 -12.51
N VAL B 30 -16.02 -8.42 -11.75
CA VAL B 30 -15.85 -7.02 -11.52
CA VAL B 30 -15.75 -6.97 -11.51
C VAL B 30 -15.54 -6.68 -10.05
N LEU B 31 -14.36 -6.16 -9.75
CA LEU B 31 -13.98 -5.78 -8.40
CA LEU B 31 -13.97 -5.79 -8.39
C LEU B 31 -14.27 -4.29 -8.23
N HIS B 32 -15.11 -3.95 -7.25
CA HIS B 32 -15.57 -2.59 -7.03
C HIS B 32 -15.96 -2.47 -5.55
N TRP B 33 -16.26 -1.23 -5.13
CA TRP B 33 -16.69 -1.01 -3.76
C TRP B 33 -18.07 -0.38 -3.66
N TRP B 34 -18.93 -0.63 -4.60
CA TRP B 34 -20.23 -0.03 -4.64
C TRP B 34 -21.22 -0.89 -3.87
N THR B 35 -21.34 -0.60 -2.55
CA THR B 35 -22.12 -1.42 -1.66
C THR B 35 -23.20 -0.67 -0.84
N SER B 36 -23.19 0.66 -0.78
CA SER B 36 -24.26 1.36 -0.04
C SER B 36 -25.54 1.19 -0.83
N GLY B 37 -26.65 1.60 -0.26
CA GLY B 37 -27.92 1.43 -0.93
C GLY B 37 -27.95 2.14 -2.28
N GLY B 38 -27.45 3.36 -2.31
CA GLY B 38 -27.40 4.16 -3.54
C GLY B 38 -26.39 3.61 -4.53
N GLU B 39 -25.19 3.31 -4.06
CA GLU B 39 -24.17 2.71 -4.93
C GLU B 39 -24.66 1.39 -5.52
N ALA B 40 -25.33 0.56 -4.72
CA ALA B 40 -25.85 -0.72 -5.20
C ALA B 40 -26.86 -0.55 -6.30
N LYS B 41 -27.70 0.48 -6.20
CA LYS B 41 -28.65 0.74 -7.28
C LYS B 41 -27.94 1.08 -8.59
N ALA B 42 -26.86 1.83 -8.51
CA ALA B 42 -26.08 2.15 -9.69
C ALA B 42 -25.43 0.89 -10.29
N VAL B 43 -24.83 0.06 -9.48
N VAL B 43 -24.77 0.09 -9.44
CA VAL B 43 -24.14 -1.05 -10.08
CA VAL B 43 -24.19 -1.20 -9.85
C VAL B 43 -25.17 -2.11 -10.56
C VAL B 43 -25.21 -2.01 -10.61
N GLU B 44 -26.40 -2.12 -10.05
CA GLU B 44 -27.47 -2.93 -10.61
C GLU B 44 -27.71 -2.56 -12.08
N THR B 45 -27.61 -1.28 -12.42
CA THR B 45 -27.77 -0.83 -13.81
CA THR B 45 -27.85 -0.92 -13.82
C THR B 45 -26.78 -1.58 -14.71
N LEU B 46 -25.54 -1.63 -14.25
CA LEU B 46 -24.47 -2.28 -15.01
C LEU B 46 -24.69 -3.79 -15.13
N LYS B 47 -24.93 -4.43 -14.00
CA LYS B 47 -25.13 -5.87 -13.98
CA LYS B 47 -25.20 -5.88 -13.94
C LYS B 47 -26.30 -6.26 -14.89
N GLN B 48 -27.39 -5.52 -14.85
CA GLN B 48 -28.56 -5.84 -15.64
C GLN B 48 -28.28 -5.73 -17.15
N GLN B 49 -27.52 -4.74 -17.57
CA GLN B 49 -27.23 -4.59 -18.99
C GLN B 49 -26.32 -5.73 -19.46
N ILE B 50 -25.34 -6.10 -18.65
CA ILE B 50 -24.44 -7.24 -18.99
C ILE B 50 -25.26 -8.52 -19.15
N GLN B 51 -26.18 -8.75 -18.26
N GLN B 51 -26.18 -8.78 -18.21
CA GLN B 51 -27.00 -9.93 -18.35
CA GLN B 51 -27.12 -9.93 -18.28
C GLN B 51 -27.90 -9.91 -19.59
C GLN B 51 -27.91 -9.90 -19.60
N LYS B 52 -28.46 -8.75 -19.93
CA LYS B 52 -29.27 -8.62 -21.12
C LYS B 52 -28.43 -8.82 -22.39
N ASP B 53 -27.16 -8.48 -22.33
CA ASP B 53 -26.25 -8.69 -23.45
C ASP B 53 -25.77 -10.12 -23.59
N GLY B 54 -26.13 -10.98 -22.67
CA GLY B 54 -25.85 -12.40 -22.75
C GLY B 54 -24.60 -12.88 -22.08
N PHE B 55 -24.08 -12.13 -21.11
CA PHE B 55 -22.89 -12.53 -20.36
C PHE B 55 -23.18 -12.72 -18.88
N ILE B 56 -22.30 -13.47 -18.21
CA ILE B 56 -22.41 -13.74 -16.78
C ILE B 56 -21.67 -12.65 -16.01
N TRP B 57 -22.31 -12.13 -14.97
CA TRP B 57 -21.69 -11.21 -14.03
C TRP B 57 -21.30 -12.01 -12.79
N LYS B 58 -20.04 -11.92 -12.40
CA LYS B 58 -19.57 -12.50 -11.16
C LYS B 58 -19.16 -11.31 -10.31
N ASP B 59 -19.84 -11.18 -9.20
CA ASP B 59 -19.61 -9.99 -8.40
C ASP B 59 -18.49 -10.17 -7.41
N ASN B 60 -17.63 -9.16 -7.31
CA ASN B 60 -16.58 -9.09 -6.32
C ASN B 60 -16.59 -7.72 -5.68
N ALA B 61 -17.73 -7.37 -5.11
CA ALA B 61 -17.81 -6.17 -4.34
C ALA B 61 -16.96 -6.37 -3.09
N VAL B 62 -16.19 -5.35 -2.72
CA VAL B 62 -15.43 -5.34 -1.48
C VAL B 62 -15.87 -4.05 -0.76
N ALA B 63 -16.62 -4.22 0.30
CA ALA B 63 -17.19 -3.11 1.03
C ALA B 63 -16.13 -2.30 1.70
N GLY B 64 -16.30 -0.98 1.60
CA GLY B 64 -15.45 -0.02 2.29
C GLY B 64 -15.43 1.27 1.50
N GLY B 65 -16.15 2.26 2.01
CA GLY B 65 -16.27 3.51 1.31
C GLY B 65 -14.93 4.07 0.97
N GLY B 66 -14.82 4.65 -0.23
CA GLY B 66 -13.60 5.21 -0.70
C GLY B 66 -12.61 4.22 -1.29
N GLY B 67 -12.77 2.93 -1.04
CA GLY B 67 -12.06 1.88 -1.76
C GLY B 67 -10.80 1.29 -1.16
N ALA B 68 -10.41 1.64 0.05
CA ALA B 68 -9.18 1.08 0.57
C ALA B 68 -9.23 -0.44 0.72
N ALA B 69 -10.34 -0.98 1.20
CA ALA B 69 -10.45 -2.43 1.34
C ALA B 69 -10.37 -3.11 -0.02
N ALA B 70 -11.00 -2.52 -1.00
CA ALA B 70 -11.00 -3.10 -2.35
C ALA B 70 -9.58 -3.07 -2.90
N MET B 71 -8.82 -2.01 -2.66
CA MET B 71 -7.45 -1.94 -3.10
C MET B 71 -6.57 -3.01 -2.46
N THR B 72 -6.79 -3.30 -1.20
CA THR B 72 -6.06 -4.38 -0.54
C THR B 72 -6.33 -5.73 -1.22
N VAL B 73 -7.59 -6.01 -1.53
CA VAL B 73 -7.92 -7.23 -2.23
C VAL B 73 -7.34 -7.24 -3.64
N LEU B 74 -7.44 -6.11 -4.34
CA LEU B 74 -6.89 -6.01 -5.69
C LEU B 74 -5.40 -6.33 -5.71
N LYS B 75 -4.64 -5.86 -4.73
CA LYS B 75 -3.21 -6.02 -4.75
C LYS B 75 -2.84 -7.49 -4.74
N THR B 76 -3.62 -8.32 -4.05
CA THR B 76 -3.34 -9.77 -4.10
C THR B 76 -3.85 -10.39 -5.39
N ARG B 77 -5.10 -10.10 -5.74
CA ARG B 77 -5.73 -10.71 -6.92
C ARG B 77 -5.03 -10.38 -8.24
N ALA B 78 -4.55 -9.15 -8.37
CA ALA B 78 -4.04 -8.67 -9.64
C ALA B 78 -2.86 -9.46 -10.14
N ILE B 79 -2.08 -10.00 -9.20
CA ILE B 79 -0.90 -10.74 -9.53
C ILE B 79 -0.99 -12.23 -9.16
N SER B 80 -2.23 -12.66 -8.91
CA SER B 80 -2.56 -14.05 -8.61
C SER B 80 -2.44 -14.97 -9.81
N GLY B 81 -2.57 -14.35 -10.98
CA GLY B 81 -2.74 -15.13 -12.21
C GLY B 81 -4.22 -15.36 -12.53
N ASN B 82 -5.10 -14.95 -11.61
CA ASN B 82 -6.55 -14.91 -11.87
C ASN B 82 -7.08 -13.53 -11.50
N PRO B 83 -6.65 -12.54 -12.28
CA PRO B 83 -7.10 -11.20 -11.96
C PRO B 83 -8.59 -11.05 -12.23
N PRO B 84 -9.23 -10.05 -11.63
CA PRO B 84 -10.58 -9.76 -12.10
C PRO B 84 -10.56 -9.30 -13.57
N SER B 85 -11.68 -9.40 -14.26
CA SER B 85 -11.82 -8.82 -15.59
C SER B 85 -11.63 -7.34 -15.60
N ALA B 86 -12.22 -6.71 -14.56
CA ALA B 86 -12.24 -5.30 -14.44
C ALA B 86 -12.14 -4.97 -12.95
N ALA B 87 -11.51 -3.85 -12.67
CA ALA B 87 -11.48 -3.36 -11.31
C ALA B 87 -11.61 -1.85 -11.33
N GLN B 88 -12.20 -1.35 -10.27
CA GLN B 88 -12.38 0.07 -10.03
C GLN B 88 -11.02 0.66 -9.63
N ILE B 89 -10.34 1.23 -10.60
CA ILE B 89 -8.98 1.73 -10.48
C ILE B 89 -9.00 3.12 -11.11
N LYS B 90 -8.50 4.12 -10.38
CA LYS B 90 -8.66 5.52 -10.73
C LYS B 90 -7.35 6.27 -10.79
N GLY B 91 -7.37 7.33 -11.60
CA GLY B 91 -6.32 8.32 -11.50
C GLY B 91 -4.92 7.81 -11.81
N PRO B 92 -3.88 8.39 -11.23
CA PRO B 92 -2.51 8.01 -11.51
C PRO B 92 -2.23 6.53 -11.30
N ASP B 93 -2.96 5.88 -10.42
CA ASP B 93 -2.75 4.45 -10.17
C ASP B 93 -2.90 3.64 -11.46
N ILE B 94 -3.76 4.08 -12.38
CA ILE B 94 -3.92 3.38 -13.67
C ILE B 94 -2.58 3.25 -14.35
N GLN B 95 -1.74 4.25 -14.28
CA GLN B 95 -0.43 4.22 -14.94
C GLN B 95 0.47 3.14 -14.37
N GLU B 96 0.41 2.87 -13.08
CA GLU B 96 1.20 1.80 -12.50
C GLU B 96 0.75 0.43 -12.98
N TRP B 97 -0.54 0.19 -12.96
CA TRP B 97 -1.05 -1.09 -13.46
CA TRP B 97 -1.09 -1.07 -13.48
C TRP B 97 -0.74 -1.24 -14.96
N GLY B 98 -0.83 -0.15 -15.71
CA GLY B 98 -0.48 -0.22 -17.12
C GLY B 98 1.00 -0.50 -17.31
N ALA B 99 1.89 0.12 -16.52
CA ALA B 99 3.33 -0.09 -16.62
C ALA B 99 3.69 -1.54 -16.32
N LEU B 100 2.93 -2.18 -15.45
CA LEU B 100 3.17 -3.56 -15.10
C LEU B 100 2.80 -4.53 -16.24
N GLY B 101 2.11 -4.06 -17.25
CA GLY B 101 1.72 -4.88 -18.38
C GLY B 101 0.51 -5.76 -18.07
N LEU B 102 -0.25 -5.44 -17.02
CA LEU B 102 -1.39 -6.26 -16.58
C LEU B 102 -2.69 -5.93 -17.25
N LEU B 103 -2.78 -4.76 -17.89
CA LEU B 103 -4.02 -4.29 -18.44
C LEU B 103 -4.06 -4.52 -19.95
N THR B 104 -5.25 -4.78 -20.46
N THR B 104 -5.26 -4.74 -20.44
CA THR B 104 -5.46 -4.93 -21.88
CA THR B 104 -5.53 -4.93 -21.84
C THR B 104 -5.80 -3.60 -22.53
C THR B 104 -5.86 -3.61 -22.54
N GLU B 105 -5.54 -3.53 -23.80
CA GLU B 105 -5.84 -2.40 -24.58
C GLU B 105 -7.27 -2.47 -25.10
N LEU B 106 -7.98 -1.35 -25.01
CA LEU B 106 -9.39 -1.30 -25.35
C LEU B 106 -9.65 -0.54 -26.64
N ASP B 107 -8.60 -0.36 -27.43
CA ASP B 107 -8.70 0.52 -28.58
C ASP B 107 -9.66 0.00 -29.64
N ASP B 108 -9.94 -1.31 -29.67
CA ASP B 108 -10.93 -1.83 -30.61
C ASP B 108 -12.33 -1.33 -30.22
N VAL B 109 -12.67 -1.45 -28.95
CA VAL B 109 -13.95 -0.93 -28.46
C VAL B 109 -14.02 0.58 -28.58
N ALA B 110 -12.91 1.25 -28.24
CA ALA B 110 -12.86 2.69 -28.27
C ALA B 110 -13.04 3.23 -29.67
N ALA B 111 -12.50 2.51 -30.66
CA ALA B 111 -12.60 2.94 -32.06
C ALA B 111 -14.03 2.73 -32.57
N ALA B 112 -14.61 1.59 -32.27
CA ALA B 112 -15.94 1.26 -32.75
C ALA B 112 -16.97 2.24 -32.17
N ASN B 113 -16.75 2.65 -30.92
CA ASN B 113 -17.73 3.46 -30.17
C ASN B 113 -17.33 4.91 -30.03
N LYS B 114 -16.28 5.32 -30.75
CA LYS B 114 -15.89 6.70 -30.89
C LYS B 114 -15.59 7.37 -29.54
N TRP B 115 -14.86 6.69 -28.67
CA TRP B 115 -14.64 7.23 -27.33
C TRP B 115 -13.88 8.56 -27.36
N ASP B 116 -12.92 8.77 -28.23
CA ASP B 116 -12.20 10.06 -28.27
C ASP B 116 -13.19 11.19 -28.55
N ASP B 117 -14.24 10.93 -29.31
CA ASP B 117 -15.26 11.93 -29.61
C ASP B 117 -16.22 12.16 -28.44
N LEU B 118 -16.49 11.12 -27.67
CA LEU B 118 -17.49 11.14 -26.59
C LEU B 118 -16.92 11.70 -25.29
N LEU B 119 -15.62 11.60 -25.07
CA LEU B 119 -14.99 11.94 -23.78
C LEU B 119 -14.25 13.25 -23.85
N PRO B 120 -14.37 14.06 -22.80
CA PRO B 120 -13.45 15.18 -22.70
C PRO B 120 -11.99 14.73 -22.79
N ARG B 121 -11.16 15.46 -23.53
N ARG B 121 -11.18 15.43 -23.56
CA ARG B 121 -9.70 15.23 -23.63
CA ARG B 121 -9.75 15.15 -23.68
C ARG B 121 -9.05 14.93 -22.29
C ARG B 121 -9.03 14.96 -22.32
N GLN B 122 -9.35 15.80 -21.33
CA GLN B 122 -8.72 15.74 -19.99
C GLN B 122 -9.01 14.38 -19.35
N VAL B 123 -10.22 13.88 -19.59
CA VAL B 123 -10.63 12.58 -19.03
C VAL B 123 -9.97 11.44 -19.79
N ALA B 124 -10.07 11.50 -21.12
CA ALA B 124 -9.53 10.43 -21.95
C ALA B 124 -8.06 10.20 -21.62
N ASP B 125 -7.29 11.26 -21.41
CA ASP B 125 -5.86 11.08 -21.14
C ASP B 125 -5.61 10.25 -19.88
N ILE B 126 -6.47 10.39 -18.87
CA ILE B 126 -6.31 9.65 -17.63
C ILE B 126 -6.49 8.14 -17.88
N MET B 127 -7.27 7.79 -18.90
CA MET B 127 -7.61 6.41 -19.19
C MET B 127 -6.60 5.67 -20.05
N LYS B 128 -5.56 6.38 -20.48
CA LYS B 128 -4.59 5.83 -21.43
C LYS B 128 -3.24 5.56 -20.82
N TYR B 129 -2.62 4.45 -21.28
CA TYR B 129 -1.26 4.11 -20.94
C TYR B 129 -0.54 3.83 -22.27
N ASP B 130 0.55 4.54 -22.50
CA ASP B 130 1.35 4.36 -23.70
C ASP B 130 0.48 4.46 -24.98
N GLY B 131 -0.44 5.39 -24.99
CA GLY B 131 -1.23 5.68 -26.17
C GLY B 131 -2.43 4.81 -26.42
N HIS B 132 -2.77 3.96 -25.47
CA HIS B 132 -3.95 3.13 -25.59
CA HIS B 132 -3.89 3.05 -25.55
C HIS B 132 -4.86 3.25 -24.40
N TYR B 133 -6.16 3.19 -24.68
CA TYR B 133 -7.11 3.06 -23.57
C TYR B 133 -6.84 1.74 -22.84
N VAL B 134 -6.72 1.82 -21.52
CA VAL B 134 -6.61 0.65 -20.64
C VAL B 134 -7.67 0.65 -19.54
N ALA B 135 -8.52 1.66 -19.54
CA ALA B 135 -9.62 1.77 -18.61
C ALA B 135 -10.73 2.56 -19.27
N VAL B 136 -11.94 2.37 -18.79
CA VAL B 136 -13.12 3.08 -19.28
C VAL B 136 -13.72 3.84 -18.12
N PRO B 137 -14.01 5.11 -18.32
CA PRO B 137 -14.66 5.89 -17.25
C PRO B 137 -16.16 5.75 -17.32
N VAL B 138 -16.83 5.93 -16.18
CA VAL B 138 -18.28 5.86 -16.16
C VAL B 138 -18.95 7.19 -15.74
N ASN B 139 -18.24 8.11 -15.11
CA ASN B 139 -18.89 9.26 -14.51
C ASN B 139 -17.88 10.35 -14.22
N ILE B 140 -18.43 11.48 -13.76
CA ILE B 140 -17.66 12.55 -13.13
C ILE B 140 -18.37 12.93 -11.81
N HIS B 141 -17.86 12.44 -10.71
CA HIS B 141 -18.29 12.91 -9.40
C HIS B 141 -17.61 14.21 -9.12
N ARG B 142 -18.35 15.05 -8.37
CA ARG B 142 -17.80 16.27 -7.79
C ARG B 142 -17.62 16.03 -6.31
N VAL B 143 -16.43 16.31 -5.80
CA VAL B 143 -16.15 16.05 -4.39
C VAL B 143 -16.56 17.22 -3.48
N ASN B 144 -16.39 18.44 -3.96
CA ASN B 144 -16.50 19.66 -3.12
C ASN B 144 -17.92 20.20 -2.95
N TRP B 145 -18.83 19.37 -2.45
CA TRP B 145 -20.17 19.73 -2.12
C TRP B 145 -20.39 19.77 -0.60
N LEU B 146 -21.36 20.60 -0.23
CA LEU B 146 -21.95 20.59 1.11
C LEU B 146 -23.45 20.31 0.96
N TRP B 147 -23.93 19.30 1.68
CA TRP B 147 -25.33 18.88 1.65
CA TRP B 147 -25.33 18.90 1.64
C TRP B 147 -26.05 19.48 2.84
N ILE B 148 -27.21 20.05 2.59
CA ILE B 148 -28.01 20.78 3.58
C ILE B 148 -29.39 20.17 3.67
N ASN B 149 -29.91 20.02 4.90
CA ASN B 149 -31.28 19.73 5.10
C ASN B 149 -32.00 21.07 5.38
N PRO B 150 -32.76 21.59 4.41
CA PRO B 150 -33.32 22.92 4.57
C PRO B 150 -34.36 22.98 5.67
N GLN B 151 -35.02 21.88 5.97
CA GLN B 151 -36.02 21.88 7.03
C GLN B 151 -35.35 22.06 8.40
N VAL B 152 -34.23 21.38 8.58
CA VAL B 152 -33.46 21.53 9.80
C VAL B 152 -32.92 23.00 9.91
N PHE B 153 -32.35 23.53 8.83
CA PHE B 153 -31.89 24.90 8.83
C PHE B 153 -33.03 25.87 9.18
N ASP B 154 -34.21 25.66 8.62
CA ASP B 154 -35.37 26.49 8.92
C ASP B 154 -35.72 26.45 10.40
N LYS B 155 -35.77 25.25 10.97
CA LYS B 155 -36.10 25.09 12.39
C LYS B 155 -35.07 25.78 13.29
N ALA B 156 -33.80 25.73 12.90
CA ALA B 156 -32.71 26.30 13.68
C ALA B 156 -32.49 27.80 13.44
N GLY B 157 -33.15 28.35 12.42
CA GLY B 157 -32.92 29.71 11.99
C GLY B 157 -31.52 29.97 11.46
N ALA B 158 -30.92 28.93 10.88
CA ALA B 158 -29.58 29.00 10.30
C ALA B 158 -29.65 29.38 8.82
N LYS B 159 -28.59 30.04 8.36
CA LYS B 159 -28.43 30.49 6.99
C LYS B 159 -27.53 29.47 6.27
N VAL B 160 -27.91 29.11 5.06
CA VAL B 160 -27.07 28.25 4.24
C VAL B 160 -25.74 28.95 4.02
N PRO B 161 -24.63 28.28 4.36
CA PRO B 161 -23.37 28.99 4.34
C PRO B 161 -22.74 29.13 2.98
N THR B 162 -22.20 30.32 2.74
CA THR B 162 -21.48 30.61 1.51
C THR B 162 -20.00 30.87 1.72
N THR B 163 -19.61 31.03 2.97
CA THR B 163 -18.23 31.26 3.37
C THR B 163 -17.89 30.36 4.54
N LEU B 164 -16.60 30.20 4.83
CA LEU B 164 -16.22 29.44 6.02
C LEU B 164 -16.75 30.05 7.32
N ASP B 165 -16.68 31.38 7.45
CA ASP B 165 -17.23 32.01 8.62
C ASP B 165 -18.73 31.65 8.78
N GLU B 166 -19.48 31.65 7.68
CA GLU B 166 -20.88 31.29 7.73
C GLU B 166 -21.08 29.82 8.05
N LEU B 167 -20.15 28.97 7.64
CA LEU B 167 -20.23 27.56 7.98
C LEU B 167 -20.23 27.38 9.49
N PHE B 168 -19.29 28.03 10.16
CA PHE B 168 -19.20 27.94 11.61
CA PHE B 168 -19.19 27.97 11.61
C PHE B 168 -20.40 28.60 12.29
N ALA B 169 -20.86 29.71 11.74
CA ALA B 169 -22.07 30.37 12.28
C ALA B 169 -23.29 29.45 12.18
N ALA B 170 -23.46 28.77 11.05
CA ALA B 170 -24.57 27.83 10.90
C ALA B 170 -24.43 26.68 11.87
N ALA B 171 -23.22 26.15 12.02
CA ALA B 171 -22.99 25.09 12.97
C ALA B 171 -23.36 25.51 14.39
N ASP B 172 -22.99 26.73 14.77
CA ASP B 172 -23.32 27.25 16.11
C ASP B 172 -24.84 27.36 16.27
N LYS B 173 -25.54 27.83 15.24
CA LYS B 173 -27.00 27.93 15.33
C LYS B 173 -27.66 26.55 15.38
N LEU B 174 -27.12 25.61 14.62
CA LEU B 174 -27.67 24.26 14.62
C LEU B 174 -27.52 23.61 15.99
N LYS B 175 -26.34 23.77 16.60
CA LYS B 175 -26.07 23.23 17.91
C LYS B 175 -27.00 23.88 18.96
N ALA B 176 -27.15 25.20 18.89
CA ALA B 176 -28.01 25.88 19.85
C ALA B 176 -29.48 25.41 19.78
N ALA B 177 -29.89 25.04 18.56
CA ALA B 177 -31.25 24.57 18.35
C ALA B 177 -31.43 23.09 18.62
N GLY B 178 -30.37 22.40 19.02
CA GLY B 178 -30.47 21.00 19.44
C GLY B 178 -30.24 19.97 18.34
N PHE B 179 -29.70 20.38 17.21
CA PHE B 179 -29.34 19.48 16.14
C PHE B 179 -27.86 19.13 16.15
N ILE B 180 -27.54 18.01 15.51
CA ILE B 180 -26.17 17.69 15.20
C ILE B 180 -25.76 18.64 14.07
N PRO B 181 -24.72 19.45 14.25
CA PRO B 181 -24.44 20.39 13.14
C PRO B 181 -23.95 19.69 11.87
N LEU B 182 -23.04 18.75 12.05
N LEU B 182 -22.94 18.84 12.02
CA LEU B 182 -22.32 18.15 10.98
CA LEU B 182 -22.27 18.17 10.90
C LEU B 182 -22.30 16.64 11.15
C LEU B 182 -22.27 16.66 11.11
N ALA B 183 -22.86 15.94 10.18
CA ALA B 183 -22.80 14.51 10.15
C ALA B 183 -21.55 14.09 9.41
N HIS B 184 -20.65 13.44 10.10
CA HIS B 184 -19.35 13.06 9.57
C HIS B 184 -18.95 11.71 10.15
N GLY B 185 -18.46 10.82 9.32
CA GLY B 185 -17.88 9.57 9.82
C GLY B 185 -16.40 9.64 10.09
N GLY B 186 -15.92 9.13 11.22
CA GLY B 186 -14.49 9.00 11.48
C GLY B 186 -13.83 7.82 10.75
N GLN B 187 -13.52 8.04 9.49
CA GLN B 187 -12.66 7.15 8.69
C GLN B 187 -11.69 8.05 7.96
N PRO B 188 -10.45 7.58 7.72
CA PRO B 188 -9.49 8.53 7.19
C PRO B 188 -9.86 9.19 5.88
N TRP B 189 -10.43 8.45 4.93
CA TRP B 189 -10.75 9.05 3.67
C TRP B 189 -11.81 10.16 3.84
N GLN B 190 -12.72 10.01 4.83
CA GLN B 190 -13.71 11.05 5.05
C GLN B 190 -13.06 12.30 5.66
N ASP B 191 -12.17 12.10 6.60
CA ASP B 191 -11.40 13.21 7.18
C ASP B 191 -10.63 14.00 6.11
N SER B 192 -10.04 13.28 5.17
CA SER B 192 -9.29 13.93 4.12
C SER B 192 -10.15 14.52 2.99
N THR B 193 -11.37 14.02 2.82
CA THR B 193 -12.33 14.66 1.92
C THR B 193 -12.61 16.07 2.48
N VAL B 194 -12.87 16.16 3.78
CA VAL B 194 -13.08 17.46 4.42
C VAL B 194 -11.84 18.33 4.34
N PHE B 195 -10.66 17.77 4.63
CA PHE B 195 -9.46 18.55 4.58
CA PHE B 195 -9.43 18.52 4.58
C PHE B 195 -9.20 19.09 3.18
N GLU B 196 -9.38 18.27 2.15
CA GLU B 196 -9.07 18.78 0.82
C GLU B 196 -10.05 19.90 0.41
N ASP B 197 -11.29 19.80 0.88
CA ASP B 197 -12.27 20.89 0.71
C ASP B 197 -11.75 22.21 1.34
N LEU B 198 -11.22 22.09 2.54
CA LEU B 198 -10.61 23.26 3.20
C LEU B 198 -9.40 23.83 2.49
N VAL B 199 -8.54 22.96 1.97
CA VAL B 199 -7.42 23.40 1.20
C VAL B 199 -7.89 24.13 -0.07
N LEU B 200 -8.84 23.54 -0.77
CA LEU B 200 -9.39 24.15 -1.98
C LEU B 200 -10.01 25.52 -1.67
N SER B 201 -10.71 25.58 -0.56
CA SER B 201 -11.38 26.81 -0.12
C SER B 201 -10.38 27.91 0.23
N ILE B 202 -9.37 27.57 1.01
CA ILE B 202 -8.44 28.57 1.56
C ILE B 202 -7.33 28.94 0.57
N LEU B 203 -6.75 27.92 -0.06
CA LEU B 203 -5.68 28.15 -0.99
C LEU B 203 -6.16 28.51 -2.38
N GLY B 204 -7.38 28.11 -2.74
CA GLY B 204 -7.85 28.29 -4.11
C GLY B 204 -7.36 27.15 -4.99
N PRO B 205 -7.86 27.06 -6.22
CA PRO B 205 -7.56 25.91 -7.02
C PRO B 205 -6.09 25.82 -7.48
N LYS B 206 -5.43 26.94 -7.76
CA LYS B 206 -3.99 26.90 -8.18
C LYS B 206 -3.13 26.49 -7.00
N GLY B 207 -3.48 26.99 -5.81
CA GLY B 207 -2.74 26.60 -4.60
C GLY B 207 -2.94 25.13 -4.27
N TYR B 208 -4.18 24.67 -4.37
CA TYR B 208 -4.51 23.25 -4.21
CA TYR B 208 -4.53 23.26 -4.26
C TYR B 208 -3.67 22.42 -5.20
N HIS B 209 -3.57 22.85 -6.45
CA HIS B 209 -2.81 22.12 -7.44
C HIS B 209 -1.36 22.06 -7.02
N ALA B 210 -0.81 23.19 -6.60
CA ALA B 210 0.59 23.27 -6.16
C ALA B 210 0.85 22.28 -5.00
N ALA B 211 -0.09 22.19 -4.08
CA ALA B 211 0.07 21.37 -2.90
C ALA B 211 -0.03 19.88 -3.23
N PHE B 212 -1.11 19.49 -3.88
CA PHE B 212 -1.46 18.07 -4.04
CA PHE B 212 -1.41 18.06 -4.00
C PHE B 212 -1.07 17.41 -5.35
N VAL B 213 -0.90 18.19 -6.41
CA VAL B 213 -0.45 17.62 -7.68
C VAL B 213 1.05 17.83 -7.80
N ASP B 214 1.54 19.06 -7.64
CA ASP B 214 2.96 19.34 -7.71
C ASP B 214 3.73 19.01 -6.44
N LEU B 215 3.05 18.82 -5.31
CA LEU B 215 3.71 18.48 -4.05
C LEU B 215 4.78 19.53 -3.72
N ASP B 216 4.41 20.79 -3.89
CA ASP B 216 5.34 21.91 -3.74
C ASP B 216 5.62 22.19 -2.25
N GLU B 217 6.88 22.13 -1.84
CA GLU B 217 7.22 22.26 -0.42
C GLU B 217 6.76 23.58 0.18
N LYS B 218 6.98 24.67 -0.53
CA LYS B 218 6.62 25.98 0.01
C LYS B 218 5.10 26.07 0.26
N THR B 219 4.29 25.51 -0.63
CA THR B 219 2.85 25.52 -0.47
C THR B 219 2.42 24.62 0.67
N LEU B 220 3.01 23.42 0.73
CA LEU B 220 2.64 22.47 1.75
C LEU B 220 2.94 22.95 3.17
N THR B 221 3.95 23.80 3.30
CA THR B 221 4.42 24.26 4.60
C THR B 221 4.11 25.72 4.87
N GLY B 222 3.34 26.34 4.01
CA GLY B 222 3.06 27.77 4.08
C GLY B 222 1.94 28.17 5.04
N PRO B 223 1.70 29.48 5.12
CA PRO B 223 0.70 30.02 6.06
C PRO B 223 -0.72 29.61 5.73
N GLN B 224 -1.04 29.48 4.43
CA GLN B 224 -2.39 29.11 4.06
C GLN B 224 -2.66 27.65 4.40
N MET B 225 -1.71 26.75 4.15
CA MET B 225 -1.89 25.35 4.53
C MET B 225 -2.03 25.24 6.07
N THR B 226 -1.25 26.08 6.76
CA THR B 226 -1.34 26.10 8.22
C THR B 226 -2.77 26.49 8.67
N GLU B 227 -3.35 27.51 8.03
N GLU B 227 -3.32 27.50 8.00
CA GLU B 227 -4.72 27.89 8.29
CA GLU B 227 -4.68 27.96 8.21
C GLU B 227 -5.70 26.78 7.97
C GLU B 227 -5.71 26.87 7.91
N ALA B 228 -5.44 26.02 6.91
CA ALA B 228 -6.31 24.90 6.62
C ALA B 228 -6.35 23.89 7.78
N PHE B 229 -5.19 23.59 8.35
CA PHE B 229 -5.18 22.73 9.55
C PHE B 229 -5.86 23.41 10.74
N ALA B 230 -5.64 24.71 10.96
CA ALA B 230 -6.33 25.41 12.05
C ALA B 230 -7.84 25.29 11.89
N THR B 231 -8.32 25.43 10.66
CA THR B 231 -9.73 25.38 10.38
C THR B 231 -10.29 23.98 10.53
N LEU B 232 -9.50 22.98 10.13
CA LEU B 232 -9.89 21.60 10.31
C LEU B 232 -10.06 21.30 11.81
N LYS B 233 -9.13 21.78 12.64
CA LYS B 233 -9.21 21.61 14.10
C LYS B 233 -10.52 22.19 14.62
N ARG B 234 -10.83 23.41 14.18
CA ARG B 234 -12.08 24.03 14.59
C ARG B 234 -13.31 23.24 14.17
N LEU B 235 -13.30 22.77 12.94
CA LEU B 235 -14.40 22.02 12.41
C LEU B 235 -14.60 20.70 13.17
N GLY B 236 -13.49 20.11 13.65
CA GLY B 236 -13.59 18.91 14.48
C GLY B 236 -14.49 19.07 15.70
N THR B 237 -14.58 20.29 16.22
CA THR B 237 -15.33 20.53 17.47
C THR B 237 -16.85 20.50 17.25
N TYR B 238 -17.28 20.56 15.99
CA TYR B 238 -18.70 20.51 15.64
C TYR B 238 -19.14 19.15 15.11
N MET B 239 -18.23 18.17 15.17
CA MET B 239 -18.52 16.80 14.81
C MET B 239 -18.86 15.94 16.06
N ASP B 240 -19.48 14.77 15.82
CA ASP B 240 -19.74 13.76 16.86
C ASP B 240 -18.42 13.19 17.36
N PRO B 241 -18.17 13.28 18.69
CA PRO B 241 -16.98 12.62 19.24
C PRO B 241 -17.03 11.10 19.11
N ASN B 242 -18.23 10.54 19.00
CA ASN B 242 -18.43 9.08 18.89
C ASN B 242 -18.62 8.51 17.48
N ARG B 243 -17.94 9.10 16.52
CA ARG B 243 -18.15 8.83 15.11
C ARG B 243 -17.23 7.74 14.54
N ALA B 244 -16.32 7.17 15.32
CA ALA B 244 -15.40 6.16 14.81
C ALA B 244 -16.16 5.08 14.06
N GLY B 245 -15.68 4.79 12.85
CA GLY B 245 -16.19 3.73 12.06
C GLY B 245 -17.49 3.97 11.35
N ARG B 246 -18.05 5.17 11.47
CA ARG B 246 -19.37 5.42 10.86
C ARG B 246 -19.23 5.63 9.34
N ASP B 247 -19.92 4.78 8.60
CA ASP B 247 -19.81 4.85 7.16
C ASP B 247 -20.44 6.12 6.59
N TRP B 248 -19.96 6.54 5.43
CA TRP B 248 -20.42 7.80 4.85
C TRP B 248 -21.92 7.83 4.64
N ASN B 249 -22.47 6.69 4.23
CA ASN B 249 -23.89 6.61 3.94
C ASN B 249 -24.74 6.64 5.21
N ILE B 250 -24.17 6.21 6.33
CA ILE B 250 -24.86 6.31 7.62
C ILE B 250 -24.90 7.77 8.09
N ALA B 251 -23.80 8.46 7.88
CA ALA B 251 -23.75 9.90 8.13
C ALA B 251 -24.76 10.60 7.23
N ALA B 252 -24.86 10.21 5.95
CA ALA B 252 -25.81 10.85 5.07
C ALA B 252 -27.23 10.64 5.60
N ALA B 253 -27.54 9.47 6.12
CA ALA B 253 -28.85 9.18 6.62
C ALA B 253 -29.21 10.06 7.82
N GLU B 254 -28.23 10.47 8.61
CA GLU B 254 -28.53 11.41 9.73
C GLU B 254 -29.06 12.73 9.20
N VAL B 255 -28.57 13.19 8.05
CA VAL B 255 -29.10 14.38 7.41
C VAL B 255 -30.45 14.12 6.82
N ILE B 256 -30.57 13.00 6.11
CA ILE B 256 -31.82 12.67 5.48
C ILE B 256 -32.94 12.59 6.49
N ASN B 257 -32.64 12.02 7.66
CA ASN B 257 -33.64 11.80 8.69
C ASN B 257 -33.86 12.99 9.60
N GLY B 258 -33.23 14.11 9.31
CA GLY B 258 -33.47 15.33 10.05
C GLY B 258 -32.81 15.43 11.42
N LYS B 259 -31.83 14.59 11.69
CA LYS B 259 -31.04 14.68 12.95
C LYS B 259 -29.87 15.64 12.88
N ALA B 260 -29.33 15.83 11.69
CA ALA B 260 -28.17 16.64 11.45
C ALA B 260 -28.52 17.63 10.32
N GLY B 261 -27.88 18.79 10.37
CA GLY B 261 -28.11 19.83 9.39
C GLY B 261 -27.36 19.70 8.08
N MET B 262 -26.12 19.18 8.15
CA MET B 262 -25.22 19.23 7.02
C MET B 262 -24.34 18.00 6.94
N GLN B 263 -23.89 17.68 5.73
CA GLN B 263 -22.81 16.71 5.53
C GLN B 263 -21.88 17.25 4.45
N ILE B 264 -20.59 17.17 4.72
CA ILE B 264 -19.54 17.54 3.78
C ILE B 264 -19.11 16.25 3.02
N MET B 265 -19.52 16.09 1.76
CA MET B 265 -19.25 14.82 1.04
C MET B 265 -19.41 15.05 -0.44
N GLY B 266 -18.80 14.19 -1.26
CA GLY B 266 -19.04 14.24 -2.68
C GLY B 266 -20.44 13.82 -3.08
N ASP B 267 -20.76 13.92 -4.38
CA ASP B 267 -22.12 13.69 -4.79
C ASP B 267 -22.56 12.24 -4.95
N TRP B 268 -21.70 11.28 -4.58
CA TRP B 268 -22.24 9.97 -4.26
C TRP B 268 -23.23 10.05 -3.07
N ALA B 269 -23.11 11.11 -2.24
CA ALA B 269 -24.13 11.30 -1.19
C ALA B 269 -25.52 11.41 -1.80
N LYS B 270 -25.63 12.02 -2.99
CA LYS B 270 -26.92 12.21 -3.60
C LYS B 270 -27.61 10.87 -3.92
N SER B 271 -26.83 9.81 -4.16
CA SER B 271 -27.43 8.52 -4.41
C SER B 271 -28.24 8.01 -3.23
N GLU B 272 -27.90 8.42 -2.00
CA GLU B 272 -28.66 8.06 -0.83
C GLU B 272 -29.97 8.85 -0.75
N TRP B 273 -29.87 10.14 -1.05
CA TRP B 273 -31.07 11.00 -1.07
C TRP B 273 -32.03 10.49 -2.17
N SER B 274 -31.48 10.15 -3.35
CA SER B 274 -32.31 9.68 -4.46
C SER B 274 -32.95 8.34 -4.12
N ALA B 275 -32.17 7.43 -3.53
CA ALA B 275 -32.70 6.13 -3.12
C ALA B 275 -33.84 6.23 -2.11
N ALA B 276 -33.80 7.29 -1.30
CA ALA B 276 -34.86 7.61 -0.32
C ALA B 276 -36.03 8.39 -0.93
N GLY B 277 -36.01 8.64 -2.23
CA GLY B 277 -37.11 9.32 -2.93
C GLY B 277 -37.18 10.81 -2.70
N LYS B 278 -36.08 11.39 -2.26
CA LYS B 278 -36.01 12.82 -1.92
C LYS B 278 -35.70 13.66 -3.14
N VAL B 279 -36.11 14.91 -3.13
CA VAL B 279 -36.09 15.77 -4.31
C VAL B 279 -35.13 16.91 -4.08
N ALA B 280 -34.23 17.09 -5.05
CA ALA B 280 -33.21 18.11 -4.99
C ALA B 280 -33.88 19.48 -4.99
N GLY B 281 -33.58 20.27 -3.97
CA GLY B 281 -34.19 21.58 -3.79
C GLY B 281 -35.25 21.62 -2.69
N LYS B 282 -36.11 20.62 -2.62
CA LYS B 282 -37.17 20.61 -1.60
C LYS B 282 -36.71 19.93 -0.31
N ASP B 283 -36.16 18.73 -0.44
CA ASP B 283 -35.77 17.93 0.73
C ASP B 283 -34.29 18.12 1.11
N TYR B 284 -33.48 18.52 0.13
CA TYR B 284 -32.08 18.79 0.34
C TYR B 284 -31.64 19.88 -0.58
N GLN B 285 -30.56 20.53 -0.19
CA GLN B 285 -29.86 21.45 -1.05
C GLN B 285 -28.43 21.02 -1.14
N CYS B 286 -27.81 21.41 -2.24
N CYS B 286 -27.82 21.21 -2.29
CA CYS B 286 -26.43 21.10 -2.56
CA CYS B 286 -26.38 21.06 -2.34
C CYS B 286 -25.78 22.42 -2.88
C CYS B 286 -25.77 22.35 -2.85
N VAL B 287 -24.76 22.81 -2.13
CA VAL B 287 -24.03 24.03 -2.44
C VAL B 287 -22.54 23.71 -2.48
N ALA B 288 -21.80 24.47 -3.25
CA ALA B 288 -20.37 24.33 -3.24
C ALA B 288 -19.87 24.38 -1.80
N PHE B 289 -18.88 23.58 -1.45
CA PHE B 289 -18.29 23.71 -0.14
C PHE B 289 -17.86 25.15 0.01
N PRO B 290 -18.17 25.79 1.18
CA PRO B 290 -17.97 27.25 1.25
C PRO B 290 -16.57 27.70 0.91
N GLY B 291 -16.48 28.69 0.03
CA GLY B 291 -15.23 29.24 -0.44
C GLY B 291 -14.67 28.55 -1.66
N THR B 292 -15.31 27.47 -2.10
CA THR B 292 -14.84 26.77 -3.30
C THR B 292 -15.70 27.00 -4.53
N GLN B 293 -16.65 27.94 -4.46
CA GLN B 293 -17.43 28.32 -5.62
C GLN B 293 -16.49 28.56 -6.80
N GLY B 294 -16.84 28.01 -7.96
CA GLY B 294 -16.01 28.16 -9.15
C GLY B 294 -14.96 27.08 -9.35
N SER B 295 -14.76 26.25 -8.34
CA SER B 295 -13.82 25.14 -8.43
C SER B 295 -14.61 23.86 -8.45
N PHE B 296 -14.04 22.87 -9.14
CA PHE B 296 -14.66 21.56 -9.26
CA PHE B 296 -14.66 21.58 -9.29
C PHE B 296 -13.58 20.53 -9.00
N ALA B 297 -13.66 19.85 -7.87
CA ALA B 297 -12.74 18.81 -7.50
C ALA B 297 -13.31 17.49 -8.03
N TYR B 298 -12.70 16.94 -9.09
CA TYR B 298 -13.32 15.82 -9.77
C TYR B 298 -12.79 14.47 -9.27
N ASN B 299 -13.68 13.51 -9.39
CA ASN B 299 -13.43 12.12 -9.05
C ASN B 299 -14.07 11.30 -10.17
N ILE B 300 -13.26 10.60 -10.95
CA ILE B 300 -13.76 9.83 -12.06
CA ILE B 300 -13.69 9.83 -12.11
C ILE B 300 -13.64 8.35 -11.76
N ASP B 301 -14.78 7.69 -11.61
CA ASP B 301 -14.79 6.25 -11.46
C ASP B 301 -14.47 5.64 -12.84
N SER B 302 -13.55 4.67 -12.83
CA SER B 302 -13.13 4.00 -14.06
C SER B 302 -12.88 2.54 -13.76
N LEU B 303 -13.08 1.73 -14.78
CA LEU B 303 -12.86 0.31 -14.72
C LEU B 303 -11.68 -0.02 -15.60
N ALA B 304 -10.57 -0.42 -14.98
CA ALA B 304 -9.36 -0.85 -15.67
C ALA B 304 -9.54 -2.32 -16.00
N MET B 305 -9.15 -2.65 -17.23
CA MET B 305 -9.44 -3.94 -17.78
CA MET B 305 -9.44 -3.93 -17.76
C MET B 305 -8.17 -4.80 -17.84
N PHE B 306 -8.21 -6.00 -17.22
CA PHE B 306 -7.01 -6.85 -17.10
C PHE B 306 -6.90 -7.80 -18.30
N LYS B 307 -5.68 -8.13 -18.67
CA LYS B 307 -5.43 -9.11 -19.76
C LYS B 307 -5.90 -10.47 -19.33
N LEU B 308 -6.76 -11.07 -20.14
CA LEU B 308 -7.31 -12.38 -19.89
C LEU B 308 -6.92 -13.38 -20.95
N LYS B 309 -7.12 -14.65 -20.67
CA LYS B 309 -6.69 -15.71 -21.60
C LYS B 309 -7.84 -16.31 -22.44
N ASP B 310 -9.04 -16.39 -21.86
CA ASP B 310 -10.19 -17.04 -22.46
C ASP B 310 -10.90 -16.10 -23.41
N ALA B 311 -11.06 -16.50 -24.66
CA ALA B 311 -11.63 -15.64 -25.68
C ALA B 311 -13.08 -15.22 -25.35
N ASN B 312 -13.85 -16.12 -24.75
CA ASN B 312 -15.22 -15.80 -24.42
C ASN B 312 -15.31 -14.77 -23.26
N ASP B 313 -14.40 -14.88 -22.31
CA ASP B 313 -14.33 -13.90 -21.22
C ASP B 313 -13.82 -12.58 -21.79
N ILE B 314 -12.98 -12.59 -22.82
CA ILE B 314 -12.56 -11.37 -23.49
C ILE B 314 -13.77 -10.69 -24.17
N LYS B 315 -14.64 -11.45 -24.82
CA LYS B 315 -15.86 -10.89 -25.40
C LYS B 315 -16.71 -10.21 -24.32
N ALA B 316 -16.85 -10.86 -23.17
CA ALA B 316 -17.61 -10.27 -22.07
C ALA B 316 -16.99 -8.97 -21.58
N GLN B 317 -15.68 -8.96 -21.45
CA GLN B 317 -14.95 -7.76 -21.04
C GLN B 317 -15.17 -6.64 -22.06
N ASN B 318 -15.10 -6.95 -23.34
CA ASN B 318 -15.31 -5.94 -24.37
C ASN B 318 -16.75 -5.40 -24.30
N ASP B 319 -17.75 -6.24 -23.96
CA ASP B 319 -19.12 -5.79 -23.81
C ASP B 319 -19.22 -4.84 -22.60
N LEU B 320 -18.60 -5.18 -21.49
CA LEU B 320 -18.58 -4.29 -20.32
C LEU B 320 -18.00 -2.94 -20.69
N ALA B 321 -16.90 -2.93 -21.41
CA ALA B 321 -16.28 -1.71 -21.86
C ALA B 321 -17.22 -0.88 -22.71
N LYS B 322 -17.89 -1.52 -23.66
CA LYS B 322 -18.85 -0.85 -24.51
C LYS B 322 -20.00 -0.25 -23.69
N VAL B 323 -20.59 -1.05 -22.83
CA VAL B 323 -21.75 -0.65 -22.04
C VAL B 323 -21.48 0.64 -21.27
N ALA B 324 -20.29 0.71 -20.70
CA ALA B 324 -19.91 1.85 -19.85
C ALA B 324 -20.19 3.20 -20.47
N LEU B 325 -20.06 3.35 -21.80
CA LEU B 325 -20.26 4.61 -22.49
C LEU B 325 -21.47 4.67 -23.40
N GLU B 326 -22.36 3.68 -23.33
CA GLU B 326 -23.59 3.72 -24.09
C GLU B 326 -24.49 4.83 -23.54
N PRO B 327 -25.32 5.43 -24.39
CA PRO B 327 -26.12 6.57 -23.89
C PRO B 327 -27.12 6.22 -22.82
N GLU B 328 -27.90 5.16 -22.98
CA GLU B 328 -28.90 4.85 -21.98
C GLU B 328 -28.23 4.50 -20.64
N PHE B 329 -27.15 3.71 -20.68
CA PHE B 329 -26.41 3.42 -19.48
C PHE B 329 -25.90 4.70 -18.82
N GLN B 330 -25.29 5.57 -19.61
CA GLN B 330 -24.78 6.80 -19.06
C GLN B 330 -25.83 7.62 -18.35
N THR B 331 -27.03 7.62 -18.84
CA THR B 331 -28.12 8.32 -18.17
C THR B 331 -28.51 7.60 -16.89
N VAL B 332 -28.89 6.33 -16.98
CA VAL B 332 -29.47 5.63 -15.85
C VAL B 332 -28.43 5.41 -14.75
N PHE B 333 -27.26 4.97 -15.08
CA PHE B 333 -26.25 4.76 -14.08
C PHE B 333 -26.03 6.03 -13.27
N ASN B 334 -25.88 7.15 -13.99
CA ASN B 334 -25.55 8.40 -13.30
C ASN B 334 -26.72 9.01 -12.56
N GLN B 335 -27.94 8.82 -13.03
CA GLN B 335 -29.11 9.19 -12.22
C GLN B 335 -29.04 8.48 -10.86
N ASN B 336 -28.68 7.19 -10.86
CA ASN B 336 -28.62 6.39 -9.64
CA ASN B 336 -28.65 6.44 -9.62
C ASN B 336 -27.41 6.70 -8.78
N LYS B 337 -26.30 6.97 -9.43
CA LYS B 337 -25.02 7.12 -8.78
C LYS B 337 -24.84 8.49 -8.09
N GLY B 338 -25.45 9.51 -8.66
CA GLY B 338 -25.33 10.88 -8.14
C GLY B 338 -24.37 11.78 -8.87
N SER B 339 -23.64 11.22 -9.84
CA SER B 339 -22.63 11.87 -10.59
C SER B 339 -23.19 12.40 -11.95
N LEU B 340 -22.33 13.20 -12.60
CA LEU B 340 -22.51 13.58 -13.98
C LEU B 340 -22.18 12.40 -14.87
N PRO B 341 -22.80 12.31 -16.04
CA PRO B 341 -22.26 11.44 -17.08
CA PRO B 341 -22.24 11.42 -17.05
C PRO B 341 -20.91 11.93 -17.53
N VAL B 342 -20.03 11.01 -17.89
CA VAL B 342 -18.76 11.38 -18.46
C VAL B 342 -18.85 11.58 -19.98
N ARG B 343 -19.80 10.92 -20.61
CA ARG B 343 -20.05 11.11 -22.03
C ARG B 343 -20.57 12.52 -22.26
N GLN B 344 -20.03 13.18 -23.27
CA GLN B 344 -20.42 14.53 -23.63
C GLN B 344 -21.74 14.57 -24.37
N ASP B 345 -22.35 15.76 -24.36
CA ASP B 345 -23.54 16.06 -25.16
C ASP B 345 -24.76 15.21 -24.78
N MET B 346 -24.85 14.80 -23.52
CA MET B 346 -26.05 14.11 -23.01
CA MET B 346 -26.07 14.14 -23.08
C MET B 346 -27.19 15.12 -22.84
N ASP B 347 -28.42 14.62 -22.88
CA ASP B 347 -29.60 15.43 -22.62
C ASP B 347 -29.64 15.66 -21.09
N MET B 348 -29.29 16.87 -20.68
CA MET B 348 -29.15 17.16 -19.27
C MET B 348 -30.49 17.33 -18.55
N SER B 349 -31.58 17.46 -19.31
CA SER B 349 -32.92 17.56 -18.72
C SER B 349 -33.33 16.24 -18.06
N LYS B 350 -32.63 15.14 -18.35
CA LYS B 350 -32.94 13.87 -17.73
C LYS B 350 -32.33 13.73 -16.36
N PHE B 351 -31.52 14.71 -15.95
CA PHE B 351 -30.89 14.66 -14.66
C PHE B 351 -31.55 15.66 -13.71
N ASP B 352 -31.36 15.46 -12.41
CA ASP B 352 -31.94 16.32 -11.41
C ASP B 352 -31.23 17.68 -11.32
N ALA B 353 -31.82 18.57 -10.54
CA ALA B 353 -31.32 19.97 -10.41
C ALA B 353 -29.88 20.04 -9.93
N CYS B 354 -29.50 19.17 -9.01
N CYS B 354 -29.48 19.17 -9.01
CA CYS B 354 -28.15 19.14 -8.49
CA CYS B 354 -28.11 19.20 -8.49
C CYS B 354 -27.13 18.76 -9.56
C CYS B 354 -27.10 18.77 -9.55
N THR B 355 -27.45 17.74 -10.34
CA THR B 355 -26.57 17.31 -11.41
C THR B 355 -26.52 18.37 -12.51
N GLN B 356 -27.63 19.04 -12.80
CA GLN B 356 -27.57 20.16 -13.75
C GLN B 356 -26.67 21.30 -13.25
N LYS B 357 -26.71 21.59 -11.96
CA LYS B 357 -25.78 22.57 -11.39
CA LYS B 357 -25.80 22.56 -11.35
C LYS B 357 -24.36 22.09 -11.53
N SER B 358 -24.13 20.80 -11.26
CA SER B 358 -22.82 20.25 -11.38
C SER B 358 -22.28 20.42 -12.81
N ALA B 359 -23.14 20.22 -13.79
CA ALA B 359 -22.74 20.35 -15.20
C ALA B 359 -22.31 21.78 -15.51
N ALA B 360 -23.07 22.75 -15.03
CA ALA B 360 -22.70 24.16 -15.28
C ALA B 360 -21.37 24.48 -14.61
N ASP B 361 -21.16 23.95 -13.41
CA ASP B 361 -19.94 24.17 -12.67
C ASP B 361 -18.75 23.52 -13.37
N PHE B 362 -18.93 22.31 -13.87
CA PHE B 362 -17.87 21.62 -14.59
C PHE B 362 -17.48 22.38 -15.85
N LYS B 363 -18.47 22.86 -16.60
CA LYS B 363 -18.20 23.54 -17.86
C LYS B 363 -17.31 24.75 -17.64
N GLU B 364 -17.62 25.55 -16.62
CA GLU B 364 -16.80 26.70 -16.34
C GLU B 364 -15.43 26.28 -15.81
N ALA B 365 -15.41 25.34 -14.90
CA ALA B 365 -14.16 24.94 -14.26
C ALA B 365 -13.16 24.39 -15.28
N ALA B 366 -13.68 23.62 -16.25
CA ALA B 366 -12.85 22.93 -17.24
C ALA B 366 -12.12 23.85 -18.18
N LYS B 367 -12.53 25.12 -18.23
CA LYS B 367 -11.84 26.11 -19.04
C LYS B 367 -10.49 26.55 -18.48
N GLY B 368 -10.20 26.19 -17.23
CA GLY B 368 -9.01 26.71 -16.58
C GLY B 368 -8.65 25.91 -15.35
N ASP B 369 -8.05 26.58 -14.39
CA ASP B 369 -7.51 25.89 -13.25
C ASP B 369 -8.57 25.56 -12.19
N GLY B 370 -9.84 25.93 -12.40
CA GLY B 370 -10.89 25.55 -11.45
C GLY B 370 -11.14 24.06 -11.35
N LEU B 371 -10.84 23.35 -12.43
CA LEU B 371 -11.03 21.91 -12.49
C LEU B 371 -9.77 21.23 -11.92
N GLN B 372 -9.92 20.58 -10.76
CA GLN B 372 -8.75 20.02 -10.08
C GLN B 372 -9.05 18.62 -9.64
N PRO B 373 -8.06 17.71 -9.72
CA PRO B 373 -8.31 16.32 -9.29
C PRO B 373 -8.43 16.19 -7.76
N SER B 374 -9.38 15.41 -7.31
CA SER B 374 -9.50 15.11 -5.90
C SER B 374 -8.30 14.29 -5.42
N MET B 375 -7.68 14.72 -4.34
CA MET B 375 -6.64 13.97 -3.67
C MET B 375 -7.24 12.79 -2.90
N ALA B 376 -8.28 13.05 -2.14
CA ALA B 376 -8.87 12.03 -1.31
C ALA B 376 -9.53 10.89 -2.07
N HIS B 377 -9.83 11.11 -3.33
CA HIS B 377 -10.47 10.11 -4.18
C HIS B 377 -9.58 9.66 -5.35
N ASN B 378 -8.28 9.80 -5.15
CA ASN B 378 -7.25 9.03 -5.89
C ASN B 378 -6.92 9.65 -7.25
N MET B 379 -7.33 10.87 -7.53
CA MET B 379 -7.11 11.46 -8.85
C MET B 379 -5.85 12.29 -8.92
N ALA B 380 -5.33 12.80 -7.77
CA ALA B 380 -4.27 13.77 -7.76
C ALA B 380 -2.85 13.24 -7.61
N THR B 381 -2.75 12.09 -6.95
CA THR B 381 -1.48 11.56 -6.41
C THR B 381 -1.40 10.08 -6.59
N THR B 382 -0.21 9.55 -6.38
CA THR B 382 -0.05 8.11 -6.19
C THR B 382 -0.71 7.68 -4.89
N LEU B 383 -1.00 6.40 -4.77
CA LEU B 383 -1.61 5.91 -3.55
C LEU B 383 -0.65 6.01 -2.36
N ALA B 384 0.65 5.88 -2.56
CA ALA B 384 1.59 6.04 -1.45
C ALA B 384 1.55 7.45 -0.87
N VAL B 385 1.54 8.44 -1.75
CA VAL B 385 1.45 9.83 -1.31
C VAL B 385 0.10 10.10 -0.63
N GLN B 386 -0.99 9.57 -1.16
CA GLN B 386 -2.29 9.71 -0.55
C GLN B 386 -2.26 9.14 0.87
N GLY B 387 -1.62 8.00 1.06
CA GLY B 387 -1.63 7.39 2.38
C GLY B 387 -0.90 8.24 3.39
N ALA B 388 0.14 8.90 2.94
CA ALA B 388 0.91 9.75 3.83
C ALA B 388 0.03 10.92 4.26
N ILE B 389 -0.68 11.50 3.31
CA ILE B 389 -1.55 12.63 3.62
C ILE B 389 -2.69 12.20 4.57
N PHE B 390 -3.33 11.07 4.28
CA PHE B 390 -4.37 10.57 5.15
C PHE B 390 -3.87 10.40 6.56
N ASP B 391 -2.68 9.86 6.72
CA ASP B 391 -2.12 9.66 8.05
C ASP B 391 -1.92 10.98 8.79
N VAL B 392 -1.36 11.97 8.13
CA VAL B 392 -1.12 13.26 8.74
C VAL B 392 -2.46 13.87 9.17
N VAL B 393 -3.44 13.85 8.29
CA VAL B 393 -4.73 14.50 8.57
C VAL B 393 -5.45 13.84 9.74
N THR B 394 -5.51 12.53 9.71
N THR B 394 -5.54 12.52 9.72
CA THR B 394 -6.26 11.84 10.73
CA THR B 394 -6.28 11.85 10.78
C THR B 394 -5.55 11.90 12.09
C THR B 394 -5.54 11.93 12.12
N ASN B 395 -4.22 11.77 12.11
CA ASN B 395 -3.43 11.91 13.36
C ASN B 395 -3.64 13.30 13.93
N PHE B 396 -3.64 14.31 13.07
CA PHE B 396 -3.92 15.67 13.52
C PHE B 396 -5.32 15.83 14.12
N LEU B 397 -6.33 15.37 13.38
CA LEU B 397 -7.72 15.63 13.74
C LEU B 397 -8.09 14.92 15.06
N ASN B 398 -7.44 13.79 15.32
CA ASN B 398 -7.69 13.03 16.52
C ASN B 398 -6.92 13.49 17.77
N ASP B 399 -6.04 14.48 17.63
CA ASP B 399 -5.26 15.05 18.75
C ASP B 399 -5.69 16.47 19.01
N PRO B 400 -6.45 16.71 20.11
CA PRO B 400 -6.87 18.10 20.42
C PRO B 400 -5.75 19.12 20.67
N GLN B 401 -4.53 18.67 20.96
CA GLN B 401 -3.42 19.61 21.24
C GLN B 401 -2.54 19.81 20.03
N ALA B 402 -2.88 19.16 18.92
CA ALA B 402 -2.05 19.24 17.77
C ALA B 402 -1.93 20.68 17.30
N GLU B 403 -0.74 21.04 16.88
CA GLU B 403 -0.44 22.38 16.42
C GLU B 403 -0.38 22.39 14.90
N PRO B 404 -1.15 23.28 14.26
CA PRO B 404 -1.11 23.39 12.81
C PRO B 404 0.32 23.55 12.23
N ALA B 405 1.20 24.28 12.89
CA ALA B 405 2.56 24.52 12.40
C ALA B 405 3.36 23.24 12.35
N THR B 406 3.11 22.35 13.31
CA THR B 406 3.76 21.04 13.27
C THR B 406 3.14 20.15 12.19
N ALA B 407 1.83 20.23 12.03
CA ALA B 407 1.14 19.43 11.03
C ALA B 407 1.65 19.70 9.63
N VAL B 408 1.93 20.96 9.28
CA VAL B 408 2.38 21.23 7.91
C VAL B 408 3.78 20.70 7.66
N LYS B 409 4.60 20.71 8.71
CA LYS B 409 5.93 20.12 8.61
C LYS B 409 5.84 18.61 8.40
N GLN B 410 4.94 17.96 9.13
CA GLN B 410 4.71 16.53 8.97
C GLN B 410 4.16 16.22 7.59
N LEU B 411 3.23 17.04 7.14
CA LEU B 411 2.63 16.84 5.81
C LEU B 411 3.72 16.80 4.73
N ASN B 412 4.57 17.81 4.70
CA ASN B 412 5.63 17.85 3.72
C ASN B 412 6.62 16.72 3.88
N ALA B 413 7.05 16.45 5.11
CA ALA B 413 8.04 15.43 5.35
C ALA B 413 7.52 14.04 4.98
N ALA B 414 6.26 13.76 5.33
CA ALA B 414 5.67 12.45 5.07
C ALA B 414 5.47 12.23 3.58
N ILE B 415 5.04 13.25 2.86
CA ILE B 415 4.92 13.15 1.40
C ILE B 415 6.30 12.84 0.79
N LYS B 416 7.31 13.57 1.25
N LYS B 416 7.35 13.55 1.18
CA LYS B 416 8.68 13.41 0.71
CA LYS B 416 8.67 13.30 0.58
C LYS B 416 9.18 11.98 0.91
C LYS B 416 9.22 11.92 0.89
N ALA B 417 8.88 11.40 2.07
CA ALA B 417 9.35 10.07 2.42
C ALA B 417 8.53 8.96 1.75
N ALA B 418 7.38 9.33 1.18
CA ALA B 418 6.51 8.42 0.41
C ALA B 418 6.82 8.43 -1.11
N ARG B 419 8.02 8.83 -1.49
CA ARG B 419 8.37 8.88 -2.93
C ARG B 419 9.75 8.28 -3.26
#